data_9MSN
#
_entry.id   9MSN
#
_cell.length_a   114.270
_cell.length_b   130.226
_cell.length_c   100.073
_cell.angle_alpha   90.00
_cell.angle_beta   116.80
_cell.angle_gamma   90.00
#
_symmetry.space_group_name_H-M   'C 1 2 1'
#
loop_
_entity.id
_entity.type
_entity.pdbx_description
1 polymer 'EV35-2 heavy chain'
2 polymer 'EV35-2 light chain'
3 polymer 'Protein OPG161'
4 water water
#
loop_
_entity_poly.entity_id
_entity_poly.type
_entity_poly.pdbx_seq_one_letter_code
_entity_poly.pdbx_strand_id
1 'polypeptide(L)'
;QVQLVQSGAEVKKPGASVKVSCKASGYTFTGYYIHWVRQAPGQGLEWMGRINPNTGGTNYAQRFRGRVTMTRDTSISTAY
MELSRLRSDDTAVFYCAKIYCRGDCYSYFDYWGQGTLVTVSSASTKGPSVFPLAPSSKSTSGGTAALGCLVKDYFPEPVT
VSWNSGALTSGVHTFPAVLQSSGLYSLSSVVTVPSSSLGTQTYICNVNHKPSNTKVDKKVEPKSC
;
A,H
2 'polypeptide(L)'
;EIVLTQSPGTLSLSPGERATLSCRASQTVSSNFLAWYQRKPGQAPRLLIYGASSRATGIPDRFSGSGSGTDFTLTISRLE
PEDFAVYYCLQYGNSPPPTFGQGTKVEIKRTVAAPSVFIFPPSDEQLKSGTASVVCLLNNFYPREAKVQWKVDNALQSGN
SQESVTEQDSKDSTYSLSSTLTLSKADYEKHKVYACEVTHQGLSSPVTKSFNRGEC
;
B,L
3 'polypeptide(L)'
;STTQYDHKESCNGLYYQGSCYILHSDYKSFEDAKANCAAESSTLPNKSDVLTTWLIDYVEDTWGSDGNPITKTTSDYQDS
DVSQEVRKYFCTGSHHHHHH
;
J,K,E,F
#
# COMPACT_ATOMS: atom_id res chain seq x y z
N GLN A 1 18.25 -31.55 19.20
CA GLN A 1 17.56 -30.27 19.17
C GLN A 1 17.91 -29.48 17.92
N VAL A 2 17.09 -28.49 17.59
CA VAL A 2 17.31 -27.63 16.44
C VAL A 2 17.22 -26.18 16.92
N GLN A 3 18.13 -25.34 16.43
CA GLN A 3 18.20 -23.95 16.83
C GLN A 3 18.38 -23.07 15.61
N LEU A 4 17.78 -21.87 15.67
CA LEU A 4 17.92 -20.86 14.64
C LEU A 4 18.03 -19.50 15.33
N VAL A 5 19.09 -18.76 15.01
CA VAL A 5 19.40 -17.53 15.72
C VAL A 5 19.74 -16.42 14.73
N GLN A 6 19.65 -15.18 15.23
CA GLN A 6 19.93 -13.96 14.48
C GLN A 6 20.13 -12.81 15.47
N SER A 7 21.05 -11.92 15.15
CA SER A 7 21.23 -10.67 15.89
C SER A 7 20.16 -9.69 15.45
N GLY A 8 19.04 -9.67 16.16
CA GLY A 8 17.90 -8.85 15.82
C GLY A 8 17.95 -7.48 16.48
N ALA A 9 16.76 -6.90 16.66
CA ALA A 9 16.60 -5.57 17.24
C ALA A 9 17.46 -4.55 16.48
N GLU A 10 17.30 -4.54 15.16
CA GLU A 10 18.11 -3.72 14.26
C GLU A 10 17.28 -2.54 13.79
N VAL A 11 17.38 -1.43 14.50
CA VAL A 11 16.71 -0.20 14.08
C VAL A 11 17.45 0.37 12.88
N LYS A 12 16.71 0.62 11.79
CA LYS A 12 17.32 1.08 10.56
C LYS A 12 16.49 2.21 9.98
N LYS A 13 17.16 3.20 9.42
CA LYS A 13 16.44 4.27 8.75
C LYS A 13 15.93 3.81 7.38
N PRO A 14 14.78 4.32 6.94
CA PRO A 14 14.27 3.95 5.61
C PRO A 14 15.19 4.40 4.48
N GLY A 15 15.16 3.63 3.39
CA GLY A 15 16.09 3.77 2.30
C GLY A 15 17.31 2.87 2.40
N ALA A 16 17.67 2.48 3.62
CA ALA A 16 18.80 1.59 3.85
C ALA A 16 18.35 0.14 3.61
N SER A 17 19.23 -0.81 3.90
CA SER A 17 18.97 -2.22 3.66
C SER A 17 19.36 -3.03 4.87
N VAL A 18 18.38 -3.70 5.49
CA VAL A 18 18.63 -4.55 6.64
C VAL A 18 18.88 -5.96 6.14
N LYS A 19 19.89 -6.61 6.71
CA LYS A 19 20.26 -7.97 6.31
C LYS A 19 20.17 -8.86 7.55
N VAL A 20 19.07 -9.59 7.66
CA VAL A 20 18.84 -10.51 8.77
C VAL A 20 19.54 -11.83 8.47
N SER A 21 20.29 -12.33 9.43
CA SER A 21 20.92 -13.63 9.30
C SER A 21 20.06 -14.69 9.98
N CYS A 22 20.43 -15.95 9.75
CA CYS A 22 19.75 -17.07 10.40
C CYS A 22 20.74 -18.23 10.42
N LYS A 23 21.32 -18.48 11.59
CA LYS A 23 22.17 -19.65 11.78
C LYS A 23 21.33 -20.79 12.34
N ALA A 24 21.38 -21.92 11.66
CA ALA A 24 20.63 -23.12 12.01
C ALA A 24 21.56 -24.23 12.48
N SER A 25 21.04 -25.09 13.34
CA SER A 25 21.83 -26.21 13.85
C SER A 25 20.89 -27.32 14.29
N GLY A 26 21.40 -28.55 14.23
CA GLY A 26 20.66 -29.74 14.64
C GLY A 26 20.19 -30.63 13.51
N TYR A 27 20.24 -30.16 12.26
CA TYR A 27 19.80 -30.94 11.12
C TYR A 27 20.73 -30.68 9.94
N THR A 28 20.45 -31.33 8.82
CA THR A 28 21.21 -31.14 7.59
C THR A 28 20.77 -29.84 6.93
N PHE A 29 21.69 -28.86 6.87
CA PHE A 29 21.34 -27.55 6.33
C PHE A 29 20.95 -27.65 4.86
N THR A 30 21.62 -28.52 4.10
CA THR A 30 21.37 -28.61 2.67
C THR A 30 20.13 -29.42 2.32
N GLY A 31 19.46 -30.02 3.30
CA GLY A 31 18.34 -30.90 3.01
C GLY A 31 16.97 -30.24 3.02
N TYR A 32 16.85 -29.08 3.67
CA TYR A 32 15.55 -28.44 3.86
C TYR A 32 15.61 -26.98 3.45
N TYR A 33 14.52 -26.51 2.86
CA TYR A 33 14.37 -25.09 2.57
C TYR A 33 14.25 -24.28 3.85
N ILE A 34 14.82 -23.07 3.86
CA ILE A 34 14.64 -22.11 4.94
C ILE A 34 13.61 -21.09 4.49
N HIS A 35 12.59 -20.88 5.32
CA HIS A 35 11.49 -19.99 4.99
C HIS A 35 11.49 -18.80 5.93
N TRP A 36 11.02 -17.67 5.41
CA TRP A 36 10.95 -16.42 6.15
C TRP A 36 9.50 -15.99 6.29
N VAL A 37 9.11 -15.62 7.50
CA VAL A 37 7.77 -15.14 7.80
C VAL A 37 7.90 -13.80 8.51
N ARG A 38 7.11 -12.82 8.10
CA ARG A 38 7.16 -11.51 8.72
C ARG A 38 5.84 -11.22 9.45
N GLN A 39 5.96 -10.56 10.59
CA GLN A 39 4.83 -10.16 11.41
C GLN A 39 4.89 -8.65 11.61
N ALA A 40 4.03 -7.93 10.91
CA ALA A 40 3.84 -6.52 11.20
C ALA A 40 3.05 -6.35 12.49
N PRO A 41 3.30 -5.28 13.25
CA PRO A 41 2.56 -5.11 14.51
C PRO A 41 1.04 -5.08 14.33
N GLY A 42 0.56 -4.46 13.26
CA GLY A 42 -0.87 -4.45 12.98
C GLY A 42 -1.35 -5.67 12.22
N GLN A 43 -0.60 -6.06 11.18
CA GLN A 43 -0.99 -7.18 10.33
C GLN A 43 -0.66 -8.52 11.00
N GLY A 44 -0.82 -9.60 10.25
CA GLY A 44 -0.55 -10.93 10.75
C GLY A 44 0.64 -11.59 10.07
N LEU A 45 0.82 -12.87 10.39
CA LEU A 45 1.93 -13.63 9.83
C LEU A 45 1.81 -13.71 8.32
N GLU A 46 2.86 -13.31 7.62
CA GLU A 46 2.86 -13.23 6.17
C GLU A 46 4.10 -13.93 5.66
N TRP A 47 3.91 -14.99 4.87
CA TRP A 47 5.02 -15.71 4.26
C TRP A 47 5.72 -14.82 3.24
N MET A 48 7.05 -14.79 3.27
CA MET A 48 7.83 -13.92 2.39
C MET A 48 8.56 -14.68 1.30
N GLY A 49 9.15 -15.82 1.62
CA GLY A 49 9.87 -16.57 0.61
C GLY A 49 10.62 -17.74 1.23
N ARG A 50 11.42 -18.37 0.37
CA ARG A 50 12.18 -19.55 0.74
C ARG A 50 13.43 -19.63 -0.11
N ILE A 51 14.42 -20.36 0.39
CA ILE A 51 15.71 -20.51 -0.28
C ILE A 51 16.24 -21.91 -0.01
N ASN A 52 16.91 -22.48 -1.01
CA ASN A 52 17.51 -23.79 -0.89
C ASN A 52 18.99 -23.66 -0.53
N PRO A 53 19.43 -24.13 0.63
CA PRO A 53 20.87 -24.12 0.94
C PRO A 53 21.68 -25.08 0.10
N ASN A 54 21.03 -25.86 -0.77
CA ASN A 54 21.68 -26.80 -1.66
C ASN A 54 21.94 -26.18 -3.04
N THR A 55 21.01 -25.36 -3.52
CA THR A 55 21.13 -24.77 -4.85
C THR A 55 21.31 -23.26 -4.85
N GLY A 56 20.75 -22.55 -3.87
CA GLY A 56 20.74 -21.11 -3.90
C GLY A 56 19.49 -20.52 -4.50
N GLY A 57 18.55 -21.35 -4.92
CA GLY A 57 17.34 -20.85 -5.53
C GLY A 57 16.44 -20.15 -4.54
N THR A 58 15.73 -19.13 -5.02
CA THR A 58 14.89 -18.30 -4.19
C THR A 58 13.48 -18.29 -4.76
N ASN A 59 12.49 -18.48 -3.89
CA ASN A 59 11.08 -18.41 -4.26
C ASN A 59 10.42 -17.38 -3.35
N TYR A 60 10.01 -16.25 -3.91
CA TYR A 60 9.43 -15.18 -3.11
C TYR A 60 7.94 -15.10 -3.36
N ALA A 61 7.22 -14.60 -2.35
CA ALA A 61 5.82 -14.25 -2.50
C ALA A 61 5.69 -12.85 -3.10
N GLN A 62 4.51 -12.59 -3.67
CA GLN A 62 4.23 -11.25 -4.16
C GLN A 62 4.30 -10.26 -3.00
N ARG A 63 4.54 -9.00 -3.34
CA ARG A 63 4.82 -7.88 -2.44
C ARG A 63 6.24 -7.94 -1.91
N PHE A 64 6.98 -9.03 -2.16
CA PHE A 64 8.37 -9.15 -1.73
C PHE A 64 9.25 -9.69 -2.84
N ARG A 65 8.78 -9.66 -4.08
CA ARG A 65 9.53 -10.16 -5.22
C ARG A 65 10.35 -9.03 -5.83
N GLY A 66 11.68 -9.15 -5.76
CA GLY A 66 12.57 -8.14 -6.29
C GLY A 66 13.01 -7.08 -5.30
N ARG A 67 12.30 -6.91 -4.19
CA ARG A 67 12.79 -6.04 -3.11
C ARG A 67 13.46 -6.83 -1.99
N VAL A 68 13.36 -8.16 -2.02
CA VAL A 68 13.93 -9.01 -0.97
C VAL A 68 14.83 -10.02 -1.66
N THR A 69 15.99 -10.28 -1.07
CA THR A 69 16.94 -11.24 -1.62
C THR A 69 17.46 -12.15 -0.52
N MET A 70 17.30 -13.45 -0.70
CA MET A 70 17.82 -14.43 0.23
C MET A 70 19.06 -15.09 -0.34
N THR A 71 20.11 -15.18 0.47
CA THR A 71 21.35 -15.84 0.13
C THR A 71 21.70 -16.81 1.25
N ARG A 72 22.79 -17.55 1.08
CA ARG A 72 23.21 -18.49 2.12
C ARG A 72 24.64 -18.91 1.87
N ASP A 73 25.28 -19.46 2.90
CA ASP A 73 26.50 -20.22 2.70
C ASP A 73 26.42 -21.53 3.48
N THR A 74 27.05 -22.55 2.90
CA THR A 74 27.10 -23.86 3.54
C THR A 74 28.23 -23.95 4.55
N SER A 75 29.31 -23.18 4.36
CA SER A 75 30.44 -23.24 5.28
C SER A 75 30.05 -22.78 6.68
N ILE A 76 29.65 -21.50 6.81
CA ILE A 76 29.12 -21.00 8.07
C ILE A 76 27.73 -21.55 8.33
N SER A 77 27.08 -22.12 7.30
CA SER A 77 25.77 -22.76 7.42
C SER A 77 24.70 -21.76 7.87
N THR A 78 24.53 -20.70 7.06
CA THR A 78 23.63 -19.62 7.44
C THR A 78 22.84 -19.14 6.23
N ALA A 79 21.58 -18.77 6.47
CA ALA A 79 20.73 -18.15 5.47
C ALA A 79 20.48 -16.69 5.81
N TYR A 80 20.56 -15.82 4.81
CA TYR A 80 20.42 -14.37 4.98
C TYR A 80 19.23 -13.88 4.17
N MET A 81 18.29 -13.23 4.85
CA MET A 81 17.19 -12.51 4.21
C MET A 81 17.50 -11.02 4.23
N GLU A 82 17.58 -10.41 3.05
CA GLU A 82 17.98 -9.01 2.93
C GLU A 82 16.85 -8.20 2.32
N LEU A 83 16.46 -7.13 3.03
CA LEU A 83 15.48 -6.17 2.53
C LEU A 83 16.20 -4.87 2.21
N SER A 84 16.02 -4.39 0.97
CA SER A 84 16.65 -3.16 0.53
C SER A 84 15.58 -2.11 0.27
N ARG A 85 15.97 -0.84 0.39
CA ARG A 85 15.06 0.28 0.21
C ARG A 85 13.87 0.19 1.18
N LEU A 86 14.19 0.21 2.46
CA LEU A 86 13.16 0.11 3.50
C LEU A 86 12.25 1.33 3.46
N ARG A 87 11.02 1.13 3.92
CA ARG A 87 10.04 2.20 4.06
C ARG A 87 9.41 2.12 5.44
N SER A 88 8.51 3.07 5.72
CA SER A 88 7.99 3.23 7.08
C SER A 88 7.24 2.00 7.56
N ASP A 89 6.35 1.46 6.73
CA ASP A 89 5.47 0.39 7.20
C ASP A 89 6.14 -0.97 7.28
N ASP A 90 7.36 -1.13 6.75
CA ASP A 90 8.05 -2.41 6.83
C ASP A 90 8.52 -2.73 8.24
N THR A 91 8.26 -1.85 9.20
CA THR A 91 8.55 -2.15 10.61
C THR A 91 7.84 -3.44 11.00
N ALA A 92 8.62 -4.49 11.27
CA ALA A 92 8.04 -5.80 11.54
C ALA A 92 9.13 -6.71 12.11
N VAL A 93 8.68 -7.85 12.63
CA VAL A 93 9.58 -8.92 13.10
C VAL A 93 9.70 -9.98 12.01
N PHE A 94 10.93 -10.43 11.77
CA PHE A 94 11.24 -11.39 10.71
C PHE A 94 11.72 -12.69 11.36
N TYR A 95 10.86 -13.71 11.37
CA TYR A 95 11.24 -15.01 11.88
C TYR A 95 11.90 -15.87 10.79
N CYS A 96 12.69 -16.83 11.23
CA CYS A 96 13.33 -17.81 10.38
C CYS A 96 12.76 -19.17 10.72
N ALA A 97 12.57 -20.03 9.71
CA ALA A 97 11.92 -21.31 9.98
C ALA A 97 12.51 -22.38 9.08
N LYS A 98 12.66 -23.58 9.65
CA LYS A 98 12.99 -24.78 8.89
C LYS A 98 11.72 -25.59 8.67
N ILE A 99 11.45 -25.91 7.41
CA ILE A 99 10.21 -26.61 7.05
C ILE A 99 10.42 -28.11 7.15
N TYR A 100 9.31 -28.84 7.33
CA TYR A 100 9.40 -30.27 7.60
C TYR A 100 9.73 -31.07 6.35
N CYS A 101 9.26 -30.65 5.19
CA CYS A 101 9.47 -31.41 3.96
C CYS A 101 10.89 -31.18 3.44
N ARG A 102 11.30 -32.03 2.49
CA ARG A 102 12.65 -32.02 1.95
C ARG A 102 12.64 -31.63 0.47
N GLY A 103 13.41 -30.59 0.14
CA GLY A 103 13.59 -30.25 -1.26
C GLY A 103 12.56 -29.28 -1.79
N ASP A 104 12.33 -29.31 -3.11
CA ASP A 104 11.36 -28.42 -3.73
C ASP A 104 9.98 -28.90 -3.31
N CYS A 105 9.42 -28.28 -2.28
CA CYS A 105 8.21 -28.78 -1.62
C CYS A 105 7.67 -27.69 -0.70
N TYR A 106 6.53 -27.98 -0.09
CA TYR A 106 5.97 -27.15 0.97
C TYR A 106 5.32 -28.04 2.03
N SER A 107 5.52 -27.69 3.30
CA SER A 107 4.95 -28.45 4.40
C SER A 107 4.68 -27.49 5.55
N TYR A 108 4.43 -28.04 6.74
CA TYR A 108 4.36 -27.23 7.94
C TYR A 108 5.77 -26.83 8.36
N PHE A 109 5.87 -25.73 9.08
CA PHE A 109 7.18 -25.24 9.53
C PHE A 109 7.63 -26.08 10.74
N ASP A 110 8.63 -26.93 10.52
CA ASP A 110 9.10 -27.83 11.56
C ASP A 110 9.65 -27.07 12.77
N TYR A 111 10.48 -26.07 12.52
CA TYR A 111 11.11 -25.34 13.60
C TYR A 111 11.10 -23.85 13.30
N TRP A 112 11.10 -23.05 14.35
CA TRP A 112 11.16 -21.60 14.26
C TRP A 112 12.36 -21.08 15.04
N GLY A 113 12.71 -19.82 14.77
CA GLY A 113 13.76 -19.14 15.48
C GLY A 113 13.23 -17.85 16.09
N GLN A 114 14.08 -17.24 16.93
CA GLN A 114 13.70 -15.99 17.56
C GLN A 114 13.48 -14.92 16.49
N GLY A 115 12.59 -13.98 16.79
CA GLY A 115 12.23 -12.97 15.82
C GLY A 115 13.33 -11.95 15.61
N THR A 116 13.03 -10.96 14.77
CA THR A 116 13.98 -9.91 14.44
C THR A 116 13.20 -8.62 14.27
N LEU A 117 13.13 -7.82 15.33
CA LEU A 117 12.44 -6.55 15.28
C LEU A 117 13.29 -5.54 14.52
N VAL A 118 12.71 -4.94 13.48
CA VAL A 118 13.39 -3.95 12.66
C VAL A 118 12.50 -2.72 12.62
N THR A 119 12.89 -1.67 13.33
CA THR A 119 12.15 -0.42 13.33
C THR A 119 12.67 0.46 12.21
N VAL A 120 11.77 0.93 11.35
CA VAL A 120 12.13 1.76 10.21
C VAL A 120 11.50 3.13 10.42
N SER A 121 12.34 4.13 10.68
CA SER A 121 11.86 5.48 10.93
C SER A 121 13.01 6.46 10.67
N SER A 122 12.68 7.62 10.11
CA SER A 122 13.69 8.63 9.85
C SER A 122 14.13 9.33 11.13
N ALA A 123 13.37 9.19 12.22
CA ALA A 123 13.69 9.87 13.47
C ALA A 123 15.05 9.43 14.00
N SER A 124 15.79 10.38 14.55
CA SER A 124 17.13 10.14 15.05
C SER A 124 17.10 9.77 16.53
N THR A 125 18.21 9.20 16.99
CA THR A 125 18.31 8.80 18.40
C THR A 125 18.25 10.03 19.29
N LYS A 126 17.34 10.01 20.25
CA LYS A 126 17.08 11.17 21.10
C LYS A 126 16.69 10.71 22.50
N GLY A 127 17.31 11.32 23.52
CA GLY A 127 16.96 11.05 24.89
C GLY A 127 15.59 11.56 25.26
N PRO A 128 14.93 10.89 26.21
CA PRO A 128 13.58 11.30 26.60
C PRO A 128 13.57 12.43 27.61
N SER A 129 12.49 13.20 27.55
CA SER A 129 12.18 14.23 28.54
C SER A 129 11.21 13.64 29.56
N VAL A 130 11.58 13.69 30.84
CA VAL A 130 10.82 13.04 31.90
C VAL A 130 10.12 14.11 32.72
N PHE A 131 8.79 14.02 32.79
CA PHE A 131 8.02 14.99 33.51
C PHE A 131 7.21 14.32 34.62
N PRO A 132 7.12 14.94 35.80
CA PRO A 132 6.39 14.33 36.90
C PRO A 132 4.88 14.38 36.71
N LEU A 133 4.20 13.39 37.29
CA LEU A 133 2.76 13.34 37.44
C LEU A 133 2.55 13.25 38.95
N ALA A 134 2.48 14.41 39.59
CA ALA A 134 2.44 14.48 41.04
C ALA A 134 1.06 14.05 41.56
N PRO A 135 0.99 13.38 42.70
CA PRO A 135 -0.28 12.92 43.29
C PRO A 135 -1.15 14.07 43.78
N THR A 144 -6.58 5.22 47.75
CA THR A 144 -5.22 5.09 47.25
C THR A 144 -4.90 6.25 46.31
N ALA A 145 -3.65 6.73 46.34
CA ALA A 145 -3.23 7.84 45.51
C ALA A 145 -2.23 7.36 44.46
N ALA A 146 -2.37 7.85 43.24
CA ALA A 146 -1.53 7.44 42.12
C ALA A 146 -0.61 8.59 41.72
N LEU A 147 0.55 8.21 41.20
CA LEU A 147 1.52 9.19 40.71
C LEU A 147 2.44 8.50 39.72
N GLY A 148 3.06 9.30 38.84
CA GLY A 148 3.81 8.65 37.77
C GLY A 148 4.84 9.54 37.12
N CYS A 149 5.47 8.97 36.08
CA CYS A 149 6.46 9.69 35.28
C CYS A 149 6.10 9.54 33.80
N LEU A 150 6.03 10.67 33.11
CA LEU A 150 5.79 10.71 31.66
C LEU A 150 7.12 10.90 30.94
N VAL A 151 7.55 9.90 30.19
CA VAL A 151 8.74 10.02 29.36
C VAL A 151 8.27 10.31 27.93
N LYS A 152 8.78 11.40 27.36
CA LYS A 152 8.24 11.95 26.13
C LYS A 152 9.37 12.20 25.15
N ASP A 153 9.07 12.03 23.86
CA ASP A 153 9.95 12.48 22.78
C ASP A 153 11.33 11.81 22.86
N TYR A 154 11.33 10.48 22.70
CA TYR A 154 12.57 9.71 22.64
C TYR A 154 12.53 8.79 21.44
N PHE A 155 13.71 8.29 21.06
CA PHE A 155 13.85 7.38 19.94
C PHE A 155 15.20 6.72 20.00
N PRO A 156 15.31 5.41 19.74
CA PRO A 156 14.22 4.47 19.49
C PRO A 156 13.83 3.70 20.74
N GLU A 157 13.00 2.67 20.58
CA GLU A 157 12.65 1.81 21.69
C GLU A 157 13.85 0.92 22.06
N PRO A 158 13.91 0.45 23.31
CA PRO A 158 12.99 0.72 24.41
C PRO A 158 13.60 1.61 25.48
N VAL A 159 12.76 2.18 26.35
CA VAL A 159 13.21 2.77 27.60
C VAL A 159 12.71 1.88 28.73
N THR A 160 13.58 1.63 29.70
CA THR A 160 13.22 0.80 30.83
C THR A 160 12.99 1.73 32.01
N VAL A 161 11.81 1.62 32.61
CA VAL A 161 11.42 2.48 33.70
C VAL A 161 11.27 1.60 34.93
N SER A 162 12.05 1.88 35.94
CA SER A 162 11.84 1.25 37.23
C SER A 162 11.45 2.33 38.20
N TRP A 163 10.96 1.90 39.36
CA TRP A 163 10.62 2.79 40.44
C TRP A 163 11.50 2.41 41.61
N ASN A 164 12.20 3.40 42.13
CA ASN A 164 12.98 3.27 43.35
C ASN A 164 14.07 2.21 43.21
N SER A 165 14.77 2.26 42.07
CA SER A 165 15.84 1.30 41.75
C SER A 165 15.31 -0.13 41.82
N GLY A 166 14.08 -0.32 41.36
CA GLY A 166 13.46 -1.63 41.37
C GLY A 166 12.89 -2.06 42.70
N ALA A 167 12.78 -1.16 43.68
CA ALA A 167 12.30 -1.53 45.01
C ALA A 167 10.78 -1.56 45.12
N LEU A 168 10.07 -1.02 44.13
CA LEU A 168 8.60 -0.97 44.16
C LEU A 168 8.09 -1.69 42.92
N THR A 169 7.58 -2.91 43.12
CA THR A 169 7.01 -3.70 42.04
C THR A 169 5.51 -3.91 42.16
N SER A 170 4.93 -3.71 43.33
CA SER A 170 3.49 -3.86 43.50
C SER A 170 2.78 -2.60 43.02
N GLY A 171 1.82 -2.78 42.11
CA GLY A 171 1.03 -1.66 41.63
C GLY A 171 1.70 -0.77 40.60
N VAL A 172 2.80 -1.20 40.00
CA VAL A 172 3.47 -0.43 38.96
C VAL A 172 2.91 -0.84 37.61
N HIS A 173 2.64 0.16 36.77
CA HIS A 173 2.14 -0.07 35.41
C HIS A 173 2.98 0.75 34.46
N THR A 174 3.87 0.08 33.72
CA THR A 174 4.67 0.69 32.66
C THR A 174 3.96 0.37 31.35
N PHE A 175 3.26 1.37 30.81
CA PHE A 175 2.44 1.16 29.63
C PHE A 175 3.31 0.99 28.38
N PRO A 176 2.81 0.28 27.37
CA PRO A 176 3.55 0.19 26.11
C PRO A 176 3.71 1.56 25.46
N ALA A 177 4.82 1.74 24.75
CA ALA A 177 5.12 3.02 24.12
C ALA A 177 4.10 3.35 23.04
N VAL A 178 3.88 4.64 22.84
CA VAL A 178 2.99 5.14 21.80
C VAL A 178 3.79 6.04 20.85
N LEU A 179 3.45 5.97 19.57
CA LEU A 179 4.14 6.72 18.53
C LEU A 179 3.38 8.00 18.23
N GLN A 180 4.03 9.15 18.42
CA GLN A 180 3.40 10.41 18.13
C GLN A 180 3.64 10.83 16.67
N SER A 181 2.91 11.87 16.26
CA SER A 181 2.99 12.34 14.89
C SER A 181 4.40 12.83 14.53
N SER A 182 5.14 13.34 15.52
CA SER A 182 6.50 13.80 15.28
C SER A 182 7.48 12.65 15.06
N GLY A 183 7.04 11.41 15.23
CA GLY A 183 7.94 10.27 15.14
C GLY A 183 8.63 9.91 16.42
N LEU A 184 8.42 10.68 17.48
CA LEU A 184 9.05 10.43 18.77
C LEU A 184 8.12 9.61 19.67
N TYR A 185 8.70 8.65 20.37
CA TYR A 185 7.93 7.76 21.22
C TYR A 185 7.61 8.41 22.57
N SER A 186 6.51 7.99 23.16
CA SER A 186 6.12 8.44 24.49
C SER A 186 5.60 7.26 25.30
N LEU A 187 5.74 7.39 26.61
CA LEU A 187 5.41 6.31 27.52
C LEU A 187 5.08 6.94 28.87
N SER A 188 4.18 6.28 29.61
CA SER A 188 3.80 6.72 30.94
C SER A 188 3.91 5.56 31.91
N SER A 189 4.62 5.75 33.00
CA SER A 189 4.77 4.73 34.03
C SER A 189 4.16 5.24 35.32
N VAL A 190 3.11 4.56 35.79
CA VAL A 190 2.34 5.03 36.93
C VAL A 190 2.40 4.01 38.06
N VAL A 191 2.02 4.45 39.26
CA VAL A 191 2.03 3.57 40.42
C VAL A 191 1.06 4.13 41.46
N THR A 192 0.37 3.22 42.14
CA THR A 192 -0.56 3.56 43.21
C THR A 192 0.03 3.20 44.57
N VAL A 193 -0.10 4.11 45.52
CA VAL A 193 0.45 3.95 46.87
C VAL A 193 -0.56 4.45 47.89
N PRO A 194 -0.46 3.97 49.13
CA PRO A 194 -1.31 4.51 50.20
C PRO A 194 -1.04 5.98 50.47
N SER A 195 -2.09 6.69 50.88
CA SER A 195 -1.96 8.11 51.23
C SER A 195 -1.05 8.31 52.43
N SER A 196 -1.03 7.36 53.36
CA SER A 196 -0.14 7.48 54.53
C SER A 196 1.30 7.74 54.10
N SER A 197 1.72 7.14 53.00
CA SER A 197 3.09 7.23 52.51
C SER A 197 3.39 8.53 51.76
N LEU A 198 2.41 9.43 51.57
CA LEU A 198 2.71 10.64 50.82
C LEU A 198 3.80 11.47 51.49
N GLY A 199 3.75 11.59 52.81
CA GLY A 199 4.66 12.46 53.54
C GLY A 199 6.07 11.95 53.79
N THR A 200 6.22 10.68 54.12
CA THR A 200 7.49 10.15 54.61
C THR A 200 8.32 9.47 53.52
N GLN A 201 7.82 9.41 52.29
CA GLN A 201 8.50 8.72 51.21
C GLN A 201 8.67 9.65 50.03
N THR A 202 9.88 9.71 49.51
CA THR A 202 10.21 10.31 48.22
C THR A 202 10.03 9.23 47.15
N TYR A 203 9.46 9.59 46.01
CA TYR A 203 9.23 8.59 44.96
C TYR A 203 10.09 8.90 43.73
N ILE A 204 10.96 7.95 43.39
CA ILE A 204 11.95 8.11 42.34
C ILE A 204 11.59 7.17 41.20
N CYS A 205 11.53 7.73 39.99
CA CYS A 205 11.47 6.94 38.78
C CYS A 205 12.84 6.98 38.11
N ASN A 206 13.43 5.80 37.89
CA ASN A 206 14.68 5.63 37.16
C ASN A 206 14.34 5.23 35.74
N VAL A 207 14.50 6.16 34.80
CA VAL A 207 14.23 5.92 33.39
C VAL A 207 15.57 5.82 32.67
N ASN A 208 15.75 4.73 31.93
CA ASN A 208 16.99 4.45 31.23
C ASN A 208 16.67 4.27 29.75
N HIS A 209 17.35 5.03 28.91
CA HIS A 209 17.24 4.95 27.45
C HIS A 209 18.62 4.54 26.95
N LYS A 210 18.78 3.24 26.70
CA LYS A 210 20.10 2.70 26.36
C LYS A 210 20.65 3.25 25.04
N PRO A 211 19.88 3.32 23.95
CA PRO A 211 20.47 3.83 22.70
C PRO A 211 21.00 5.25 22.81
N SER A 212 20.41 6.08 23.66
CA SER A 212 20.92 7.41 23.93
C SER A 212 21.74 7.47 25.21
N ASN A 213 21.86 6.35 25.92
CA ASN A 213 22.60 6.27 27.19
C ASN A 213 22.16 7.38 28.14
N THR A 214 20.85 7.49 28.34
CA THR A 214 20.27 8.52 29.19
C THR A 214 19.72 7.86 30.44
N LYS A 215 20.20 8.33 31.60
CA LYS A 215 19.72 7.88 32.90
C LYS A 215 19.15 9.09 33.63
N VAL A 216 17.85 9.06 33.92
CA VAL A 216 17.20 10.15 34.64
C VAL A 216 16.53 9.58 35.89
N ASP A 217 16.81 10.20 37.03
CA ASP A 217 16.18 9.86 38.31
C ASP A 217 15.29 11.03 38.70
N LYS A 218 13.99 10.90 38.47
CA LYS A 218 13.06 12.01 38.69
C LYS A 218 12.23 11.76 39.93
N LYS A 219 12.12 12.80 40.77
CA LYS A 219 11.36 12.72 42.01
C LYS A 219 9.96 13.26 41.76
N VAL A 220 8.95 12.43 42.01
CA VAL A 220 7.55 12.85 41.92
C VAL A 220 7.11 13.20 43.35
N GLU A 221 7.33 14.44 43.73
CA GLU A 221 6.97 14.90 45.05
C GLU A 221 5.48 15.22 45.13
N PRO A 222 4.87 15.07 46.30
CA PRO A 222 3.47 15.45 46.45
C PRO A 222 3.28 16.93 46.13
N LYS A 223 2.10 17.25 45.58
CA LYS A 223 1.81 18.62 45.15
C LYS A 223 2.00 19.61 46.29
N SER A 224 2.67 20.72 45.99
CA SER A 224 2.73 21.87 46.88
C SER A 224 1.46 22.70 46.69
N CYS A 225 1.48 23.93 47.23
CA CYS A 225 0.36 24.86 47.09
C CYS A 225 -0.92 24.31 47.70
N GLU B 1 -5.37 -18.73 -3.62
CA GLU B 1 -4.83 -18.12 -2.42
C GLU B 1 -5.87 -18.12 -1.30
N ILE B 2 -5.79 -19.10 -0.41
CA ILE B 2 -6.76 -19.19 0.67
C ILE B 2 -6.51 -18.09 1.68
N VAL B 3 -7.58 -17.55 2.26
CA VAL B 3 -7.52 -16.69 3.43
C VAL B 3 -7.99 -17.48 4.64
N LEU B 4 -7.23 -17.41 5.72
CA LEU B 4 -7.47 -18.19 6.93
C LEU B 4 -8.07 -17.23 7.96
N THR B 5 -9.39 -17.25 8.11
CA THR B 5 -10.08 -16.34 9.02
C THR B 5 -10.37 -17.07 10.33
N GLN B 6 -9.92 -16.51 11.45
CA GLN B 6 -10.14 -17.11 12.76
C GLN B 6 -11.32 -16.42 13.41
N SER B 7 -12.42 -17.16 13.57
CA SER B 7 -13.69 -16.56 13.99
C SER B 7 -13.64 -15.95 15.39
N PRO B 8 -13.14 -16.62 16.43
CA PRO B 8 -13.10 -15.97 17.74
C PRO B 8 -12.16 -14.77 17.74
N GLY B 9 -12.64 -13.66 18.28
CA GLY B 9 -11.80 -12.49 18.39
C GLY B 9 -10.93 -12.56 19.61
N THR B 10 -11.55 -12.68 20.78
CA THR B 10 -10.84 -12.82 22.04
C THR B 10 -11.56 -13.90 22.85
N LEU B 11 -10.93 -15.07 22.97
CA LEU B 11 -11.49 -16.19 23.73
C LEU B 11 -11.29 -15.92 25.21
N SER B 12 -12.38 -15.68 25.93
CA SER B 12 -12.33 -15.25 27.33
C SER B 12 -12.98 -16.30 28.24
N LEU B 13 -12.16 -17.23 28.74
CA LEU B 13 -12.64 -18.28 29.62
C LEU B 13 -11.66 -18.49 30.77
N SER B 14 -12.20 -18.95 31.90
CA SER B 14 -11.41 -19.20 33.09
C SER B 14 -10.48 -20.39 32.89
N PRO B 15 -9.43 -20.50 33.70
CA PRO B 15 -8.55 -21.68 33.60
C PRO B 15 -9.30 -22.98 33.82
N GLY B 16 -8.91 -24.00 33.04
CA GLY B 16 -9.52 -25.31 33.08
C GLY B 16 -10.78 -25.46 32.26
N GLU B 17 -11.42 -24.35 31.87
CA GLU B 17 -12.63 -24.42 31.07
C GLU B 17 -12.26 -24.70 29.61
N ARG B 18 -13.24 -25.17 28.84
CA ARG B 18 -12.98 -25.70 27.51
C ARG B 18 -12.82 -24.56 26.50
N ALA B 19 -11.65 -24.49 25.87
CA ALA B 19 -11.36 -23.49 24.85
C ALA B 19 -11.59 -24.07 23.47
N THR B 20 -12.47 -23.43 22.69
CA THR B 20 -12.81 -23.87 21.33
C THR B 20 -12.47 -22.76 20.34
N LEU B 21 -11.60 -23.08 19.39
CA LEU B 21 -11.09 -22.12 18.41
C LEU B 21 -11.51 -22.55 17.01
N SER B 22 -12.17 -21.64 16.28
CA SER B 22 -12.67 -21.89 14.95
C SER B 22 -11.76 -21.23 13.93
N CYS B 23 -11.40 -21.97 12.89
CA CYS B 23 -10.55 -21.48 11.81
C CYS B 23 -11.18 -21.88 10.48
N ARG B 24 -11.55 -20.88 9.69
CA ARG B 24 -12.27 -21.08 8.44
C ARG B 24 -11.41 -20.70 7.26
N ALA B 25 -11.42 -21.52 6.21
CA ALA B 25 -10.66 -21.27 5.00
C ALA B 25 -11.59 -20.81 3.89
N SER B 26 -11.09 -19.90 3.05
CA SER B 26 -11.90 -19.41 1.93
C SER B 26 -12.18 -20.53 0.93
N GLN B 27 -11.16 -21.29 0.57
CA GLN B 27 -11.29 -22.45 -0.30
C GLN B 27 -10.97 -23.71 0.50
N THR B 28 -11.11 -24.86 -0.16
CA THR B 28 -10.81 -26.13 0.49
C THR B 28 -9.31 -26.30 0.63
N VAL B 29 -8.87 -26.69 1.82
CA VAL B 29 -7.47 -26.99 2.08
C VAL B 29 -7.20 -28.42 1.63
N SER B 30 -6.34 -28.58 0.62
CA SER B 30 -6.13 -29.90 0.04
C SER B 30 -5.49 -30.84 1.06
N SER B 31 -6.02 -32.06 1.12
CA SER B 31 -5.55 -33.10 2.03
C SER B 31 -5.59 -32.66 3.50
N ASN B 32 -6.36 -31.61 3.80
CA ASN B 32 -6.50 -31.09 5.15
C ASN B 32 -5.14 -30.78 5.78
N PHE B 33 -4.31 -30.06 5.03
CA PHE B 33 -2.98 -29.67 5.49
C PHE B 33 -3.12 -28.40 6.32
N LEU B 34 -3.43 -28.59 7.61
CA LEU B 34 -3.67 -27.51 8.54
C LEU B 34 -2.75 -27.68 9.73
N ALA B 35 -2.20 -26.57 10.21
CA ALA B 35 -1.29 -26.57 11.34
C ALA B 35 -1.73 -25.50 12.33
N TRP B 36 -1.41 -25.73 13.59
CA TRP B 36 -1.73 -24.81 14.68
C TRP B 36 -0.45 -24.46 15.43
N TYR B 37 -0.26 -23.16 15.65
CA TYR B 37 0.90 -22.57 16.30
C TYR B 37 0.44 -21.72 17.46
N GLN B 38 1.20 -21.77 18.56
CA GLN B 38 0.98 -20.98 19.76
C GLN B 38 2.22 -20.13 19.98
N ARG B 39 2.04 -18.81 19.99
CA ARG B 39 3.15 -17.88 20.20
C ARG B 39 2.96 -17.20 21.55
N LYS B 40 3.82 -17.57 22.51
CA LYS B 40 3.78 -16.86 23.80
C LYS B 40 4.46 -15.49 23.66
N PRO B 41 3.99 -14.49 24.41
CA PRO B 41 4.45 -13.10 24.18
C PRO B 41 5.95 -12.95 24.27
N GLY B 42 6.55 -12.45 23.18
CA GLY B 42 7.98 -12.28 23.10
C GLY B 42 8.76 -13.52 22.74
N GLN B 43 8.09 -14.60 22.36
CA GLN B 43 8.72 -15.86 22.00
C GLN B 43 8.44 -16.19 20.53
N ALA B 44 9.10 -17.24 20.05
CA ALA B 44 8.91 -17.76 18.72
C ALA B 44 7.70 -18.68 18.67
N PRO B 45 7.01 -18.77 17.52
CA PRO B 45 5.89 -19.70 17.40
C PRO B 45 6.32 -21.14 17.65
N ARG B 46 5.48 -21.87 18.37
CA ARG B 46 5.68 -23.27 18.67
C ARG B 46 4.79 -24.11 17.77
N LEU B 47 5.28 -25.28 17.37
CA LEU B 47 4.48 -26.23 16.62
C LEU B 47 3.58 -27.00 17.58
N LEU B 48 2.27 -26.98 17.36
CA LEU B 48 1.32 -27.76 18.15
C LEU B 48 0.60 -28.80 17.33
N ILE B 49 0.01 -28.41 16.20
CA ILE B 49 -0.81 -29.35 15.46
C ILE B 49 -0.38 -29.37 14.00
N TYR B 50 -0.28 -30.58 13.44
CA TYR B 50 -0.15 -30.78 12.01
C TYR B 50 -1.07 -31.93 11.61
N GLY B 51 -1.40 -31.97 10.32
CA GLY B 51 -2.38 -32.93 9.82
C GLY B 51 -3.76 -32.68 10.39
N ALA B 52 -3.93 -31.54 11.06
CA ALA B 52 -5.17 -31.10 11.68
C ALA B 52 -5.64 -32.03 12.78
N SER B 53 -4.91 -33.12 13.04
CA SER B 53 -5.27 -34.03 14.11
C SER B 53 -4.11 -34.59 14.91
N SER B 54 -2.87 -34.45 14.46
CA SER B 54 -1.74 -35.12 15.09
C SER B 54 -0.97 -34.15 15.96
N ARG B 55 -0.70 -34.55 17.19
CA ARG B 55 -0.04 -33.69 18.16
C ARG B 55 1.47 -33.73 17.97
N ALA B 56 2.12 -32.59 18.14
CA ALA B 56 3.57 -32.53 18.04
C ALA B 56 4.21 -33.22 19.24
N THR B 57 5.46 -33.62 19.06
CA THR B 57 6.17 -34.34 20.11
C THR B 57 6.45 -33.42 21.30
N GLY B 58 6.10 -33.88 22.49
CA GLY B 58 6.32 -33.13 23.71
C GLY B 58 5.26 -32.11 24.05
N ILE B 59 4.19 -32.03 23.25
CA ILE B 59 3.12 -31.05 23.46
C ILE B 59 2.08 -31.66 24.38
N PRO B 60 1.53 -30.90 25.33
CA PRO B 60 0.60 -31.48 26.31
C PRO B 60 -0.61 -32.11 25.66
N ASP B 61 -1.11 -33.16 26.30
CA ASP B 61 -2.22 -33.95 25.77
C ASP B 61 -3.48 -33.11 25.56
N ARG B 62 -3.71 -32.09 26.39
CA ARG B 62 -4.97 -31.36 26.34
C ARG B 62 -5.17 -30.63 25.02
N PHE B 63 -4.11 -30.41 24.25
CA PHE B 63 -4.24 -29.76 22.95
C PHE B 63 -4.76 -30.75 21.93
N SER B 64 -5.82 -30.36 21.21
CA SER B 64 -6.45 -31.21 20.22
C SER B 64 -6.78 -30.40 18.97
N GLY B 65 -6.85 -31.10 17.85
CA GLY B 65 -7.24 -30.47 16.60
C GLY B 65 -8.14 -31.41 15.81
N SER B 66 -9.05 -30.81 15.06
CA SER B 66 -9.96 -31.61 14.24
C SER B 66 -10.51 -30.72 13.12
N GLY B 67 -11.34 -31.31 12.28
CA GLY B 67 -11.98 -30.60 11.19
C GLY B 67 -11.57 -31.14 9.84
N SER B 68 -12.17 -30.56 8.81
CA SER B 68 -11.91 -30.96 7.43
C SER B 68 -12.38 -29.84 6.51
N GLY B 69 -12.02 -29.98 5.23
CA GLY B 69 -12.48 -29.06 4.21
C GLY B 69 -12.05 -27.63 4.46
N THR B 70 -13.01 -26.78 4.81
CA THR B 70 -12.74 -25.38 5.09
C THR B 70 -12.97 -25.01 6.55
N ASP B 71 -13.18 -25.99 7.43
CA ASP B 71 -13.45 -25.73 8.84
C ASP B 71 -12.53 -26.59 9.70
N PHE B 72 -11.68 -25.95 10.50
CA PHE B 72 -10.80 -26.64 11.42
C PHE B 72 -10.97 -26.04 12.82
N THR B 73 -10.79 -26.88 13.84
CA THR B 73 -11.02 -26.47 15.22
C THR B 73 -9.85 -26.88 16.09
N LEU B 74 -9.47 -25.97 16.98
CA LEU B 74 -8.47 -26.22 18.03
C LEU B 74 -9.18 -26.28 19.38
N THR B 75 -8.94 -27.35 20.13
CA THR B 75 -9.63 -27.60 21.39
C THR B 75 -8.61 -27.73 22.51
N ILE B 76 -8.83 -26.98 23.59
CA ILE B 76 -8.05 -27.12 24.81
C ILE B 76 -9.00 -27.52 25.93
N SER B 77 -8.91 -28.78 26.36
CA SER B 77 -9.80 -29.31 27.38
C SER B 77 -9.63 -28.54 28.69
N ARG B 78 -8.45 -28.65 29.30
CA ARG B 78 -8.13 -27.98 30.55
C ARG B 78 -7.21 -26.80 30.24
N LEU B 79 -7.74 -25.59 30.37
CA LEU B 79 -6.97 -24.39 30.06
C LEU B 79 -5.90 -24.18 31.11
N GLU B 80 -4.69 -24.64 30.83
CA GLU B 80 -3.58 -24.45 31.73
C GLU B 80 -3.16 -22.98 31.73
N PRO B 81 -2.51 -22.51 32.80
CA PRO B 81 -2.12 -21.09 32.82
C PRO B 81 -1.21 -20.71 31.67
N GLU B 82 -0.39 -21.64 31.17
CA GLU B 82 0.45 -21.37 30.02
C GLU B 82 -0.35 -21.30 28.72
N ASP B 83 -1.56 -21.84 28.69
CA ASP B 83 -2.35 -21.86 27.46
C ASP B 83 -3.00 -20.52 27.14
N PHE B 84 -2.65 -19.45 27.86
CA PHE B 84 -3.19 -18.12 27.59
C PHE B 84 -2.18 -17.37 26.73
N ALA B 85 -2.36 -17.46 25.41
CA ALA B 85 -1.47 -16.82 24.44
C ALA B 85 -2.23 -16.67 23.14
N VAL B 86 -1.51 -16.36 22.06
CA VAL B 86 -2.11 -16.22 20.74
C VAL B 86 -1.91 -17.50 19.96
N TYR B 87 -2.93 -17.86 19.18
CA TYR B 87 -2.93 -19.07 18.37
C TYR B 87 -3.20 -18.72 16.91
N TYR B 88 -2.40 -19.28 16.03
CA TYR B 88 -2.51 -19.09 14.58
C TYR B 88 -2.77 -20.44 13.92
N CYS B 89 -3.57 -20.42 12.85
CA CYS B 89 -3.76 -21.59 12.00
C CYS B 89 -3.15 -21.30 10.63
N LEU B 90 -2.40 -22.27 10.12
CA LEU B 90 -1.63 -22.14 8.88
C LEU B 90 -2.00 -23.26 7.92
N GLN B 91 -2.09 -22.91 6.63
CA GLN B 91 -2.37 -23.88 5.58
C GLN B 91 -1.11 -24.13 4.76
N TYR B 92 -0.92 -25.39 4.35
CA TYR B 92 0.18 -25.74 3.45
C TYR B 92 -0.27 -26.73 2.39
N GLY B 93 -1.57 -26.84 2.13
CA GLY B 93 -2.06 -27.72 1.09
C GLY B 93 -2.04 -27.08 -0.29
N ASN B 94 -2.62 -25.89 -0.43
CA ASN B 94 -2.57 -25.14 -1.67
C ASN B 94 -1.49 -24.08 -1.56
N SER B 95 -0.23 -24.53 -1.65
CA SER B 95 0.93 -23.67 -1.55
C SER B 95 1.75 -23.72 -2.84
N PRO B 96 2.50 -22.66 -3.16
CA PRO B 96 2.58 -21.38 -2.46
C PRO B 96 1.44 -20.44 -2.83
N PRO B 97 1.20 -19.39 -2.04
CA PRO B 97 1.85 -19.03 -0.78
C PRO B 97 1.21 -19.70 0.44
N PRO B 98 2.01 -20.21 1.38
CA PRO B 98 1.43 -20.71 2.63
C PRO B 98 0.90 -19.56 3.47
N THR B 99 -0.41 -19.44 3.58
CA THR B 99 -1.04 -18.30 4.25
C THR B 99 -1.33 -18.62 5.71
N PHE B 100 -1.28 -17.58 6.53
CA PHE B 100 -1.55 -17.67 7.95
C PHE B 100 -2.86 -16.99 8.30
N GLY B 101 -3.41 -17.36 9.46
CA GLY B 101 -4.54 -16.66 10.01
C GLY B 101 -4.15 -15.36 10.70
N GLN B 102 -5.16 -14.60 11.09
CA GLN B 102 -4.94 -13.35 11.79
C GLN B 102 -4.72 -13.54 13.29
N GLY B 103 -4.97 -14.74 13.81
CA GLY B 103 -4.69 -15.05 15.19
C GLY B 103 -5.76 -14.59 16.16
N THR B 104 -5.92 -15.32 17.26
CA THR B 104 -6.82 -14.96 18.32
C THR B 104 -6.07 -15.00 19.64
N LYS B 105 -6.31 -14.02 20.49
CA LYS B 105 -5.73 -14.00 21.82
C LYS B 105 -6.68 -14.68 22.80
N VAL B 106 -6.15 -15.59 23.62
CA VAL B 106 -6.92 -16.28 24.63
C VAL B 106 -6.63 -15.58 25.94
N GLU B 107 -7.61 -14.83 26.44
CA GLU B 107 -7.49 -14.12 27.70
C GLU B 107 -8.16 -14.90 28.83
N ILE B 108 -8.00 -14.38 30.03
CA ILE B 108 -8.44 -15.05 31.26
C ILE B 108 -9.71 -14.38 31.76
N LYS B 109 -10.62 -15.19 32.28
CA LYS B 109 -11.92 -14.71 32.75
C LYS B 109 -11.90 -14.56 34.26
N ARG B 110 -12.13 -13.33 34.73
CA ARG B 110 -12.33 -13.03 36.13
C ARG B 110 -13.58 -12.18 36.28
N THR B 111 -13.89 -11.83 37.52
CA THR B 111 -15.05 -11.01 37.81
C THR B 111 -14.81 -9.58 37.35
N VAL B 112 -15.91 -8.85 37.17
CA VAL B 112 -15.82 -7.46 36.72
C VAL B 112 -15.12 -6.64 37.79
N ALA B 113 -14.17 -5.82 37.37
CA ALA B 113 -13.41 -4.96 38.28
C ALA B 113 -13.53 -3.52 37.79
N ALA B 114 -13.91 -2.62 38.70
CA ALA B 114 -14.02 -1.22 38.34
C ALA B 114 -12.63 -0.59 38.21
N PRO B 115 -12.44 0.33 37.28
CA PRO B 115 -11.14 0.99 37.15
C PRO B 115 -10.97 2.09 38.19
N SER B 116 -9.84 2.09 38.87
CA SER B 116 -9.47 3.20 39.74
C SER B 116 -8.99 4.34 38.84
N VAL B 117 -9.69 5.47 38.87
CA VAL B 117 -9.49 6.55 37.93
C VAL B 117 -8.72 7.66 38.62
N PHE B 118 -7.59 8.06 38.02
CA PHE B 118 -6.78 9.15 38.52
C PHE B 118 -6.48 10.11 37.38
N ILE B 119 -6.27 11.38 37.72
CA ILE B 119 -6.01 12.41 36.72
C ILE B 119 -4.80 13.22 37.17
N PHE B 120 -3.88 13.46 36.24
CA PHE B 120 -2.60 14.10 36.52
C PHE B 120 -2.45 15.33 35.64
N PRO B 121 -2.40 16.53 36.22
CA PRO B 121 -2.08 17.73 35.44
C PRO B 121 -0.63 17.68 34.99
N PRO B 122 -0.30 18.36 33.89
CA PRO B 122 1.12 18.43 33.50
C PRO B 122 1.94 19.20 34.53
N SER B 123 3.16 18.75 34.73
CA SER B 123 4.03 19.33 35.74
C SER B 123 4.63 20.65 35.25
N ASP B 124 5.00 21.50 36.21
CA ASP B 124 5.64 22.78 35.87
C ASP B 124 6.92 22.57 35.09
N GLU B 125 7.60 21.43 35.29
CA GLU B 125 8.76 21.13 34.47
C GLU B 125 8.37 21.01 33.00
N GLN B 126 7.19 20.45 32.73
CA GLN B 126 6.71 20.41 31.36
C GLN B 126 6.14 21.75 30.93
N LEU B 127 5.54 22.50 31.86
CA LEU B 127 4.93 23.80 31.59
C LEU B 127 5.97 24.87 31.24
N LYS B 128 7.25 24.50 31.10
CA LYS B 128 8.24 25.39 30.53
C LYS B 128 8.55 25.11 29.07
N SER B 129 8.30 23.88 28.60
CA SER B 129 8.77 23.45 27.28
C SER B 129 7.84 23.88 26.14
N GLY B 130 6.69 24.46 26.43
CA GLY B 130 5.78 24.88 25.38
C GLY B 130 4.67 23.90 25.05
N THR B 131 4.50 22.84 25.84
CA THR B 131 3.48 21.83 25.60
C THR B 131 2.91 21.39 26.94
N ALA B 132 1.62 21.02 26.95
CA ALA B 132 0.95 20.50 28.12
C ALA B 132 0.37 19.13 27.83
N SER B 133 0.70 18.16 28.68
CA SER B 133 0.22 16.78 28.56
C SER B 133 -0.51 16.43 29.86
N VAL B 134 -1.81 16.25 29.77
CA VAL B 134 -2.64 15.84 30.90
C VAL B 134 -2.88 14.34 30.80
N VAL B 135 -2.70 13.63 31.90
CA VAL B 135 -2.76 12.17 31.88
C VAL B 135 -3.96 11.69 32.66
N CYS B 136 -4.67 10.70 32.12
CA CYS B 136 -5.76 10.03 32.83
C CYS B 136 -5.46 8.55 32.91
N LEU B 137 -5.47 8.01 34.12
CA LEU B 137 -5.10 6.63 34.40
C LEU B 137 -6.32 5.85 34.86
N LEU B 138 -6.56 4.70 34.23
CA LEU B 138 -7.55 3.73 34.68
C LEU B 138 -6.77 2.49 35.11
N ASN B 139 -6.93 2.11 36.38
CA ASN B 139 -6.12 1.07 37.00
C ASN B 139 -6.97 -0.13 37.35
N ASN B 140 -6.50 -1.31 36.95
CA ASN B 140 -7.02 -2.60 37.42
C ASN B 140 -8.52 -2.74 37.13
N PHE B 141 -8.84 -2.80 35.84
CA PHE B 141 -10.21 -2.99 35.39
C PHE B 141 -10.33 -4.24 34.51
N TYR B 142 -11.57 -4.69 34.35
CA TYR B 142 -11.94 -5.79 33.49
C TYR B 142 -13.44 -5.70 33.24
N PRO B 143 -13.93 -5.80 31.99
CA PRO B 143 -13.18 -6.11 30.76
C PRO B 143 -12.35 -4.94 30.25
N ARG B 144 -11.65 -5.13 29.13
CA ARG B 144 -10.83 -4.05 28.58
C ARG B 144 -11.67 -2.98 27.91
N GLU B 145 -12.84 -3.34 27.39
CA GLU B 145 -13.69 -2.38 26.70
C GLU B 145 -14.04 -1.23 27.64
N ALA B 146 -13.52 -0.04 27.35
CA ALA B 146 -13.72 1.12 28.20
C ALA B 146 -13.57 2.38 27.37
N LYS B 147 -14.49 3.31 27.52
CA LYS B 147 -14.47 4.57 26.79
C LYS B 147 -13.89 5.65 27.68
N VAL B 148 -12.84 6.31 27.21
CA VAL B 148 -12.23 7.42 27.93
C VAL B 148 -12.41 8.67 27.08
N GLN B 149 -13.15 9.64 27.61
CA GLN B 149 -13.37 10.89 26.90
C GLN B 149 -12.88 12.06 27.75
N TRP B 150 -12.27 13.03 27.08
CA TRP B 150 -11.69 14.20 27.72
C TRP B 150 -12.60 15.40 27.52
N LYS B 151 -12.77 16.18 28.59
CA LYS B 151 -13.54 17.41 28.55
C LYS B 151 -12.67 18.56 29.02
N VAL B 152 -12.57 19.59 28.20
CA VAL B 152 -11.88 20.82 28.55
C VAL B 152 -12.96 21.89 28.60
N ASP B 153 -13.23 22.39 29.81
CA ASP B 153 -14.41 23.21 30.07
C ASP B 153 -15.67 22.49 29.60
N ASN B 154 -15.73 21.19 29.90
CA ASN B 154 -16.85 20.30 29.62
C ASN B 154 -17.11 20.12 28.12
N ALA B 155 -16.14 20.47 27.28
CA ALA B 155 -16.26 20.33 25.83
C ALA B 155 -15.51 19.08 25.37
N LEU B 156 -16.16 18.27 24.53
CA LEU B 156 -15.58 17.01 24.11
C LEU B 156 -14.36 17.25 23.22
N GLN B 157 -13.26 16.57 23.54
CA GLN B 157 -12.00 16.71 22.82
C GLN B 157 -11.85 15.56 21.82
N SER B 158 -11.49 15.89 20.59
CA SER B 158 -11.38 14.93 19.51
C SER B 158 -10.03 15.08 18.82
N GLY B 159 -9.34 13.97 18.63
CA GLY B 159 -8.09 13.96 17.89
C GLY B 159 -6.90 14.55 18.59
N ASN B 160 -6.94 14.68 19.92
CA ASN B 160 -5.81 15.22 20.67
C ASN B 160 -5.36 14.28 21.79
N SER B 161 -5.81 13.03 21.78
CA SER B 161 -5.52 12.09 22.84
C SER B 161 -4.94 10.81 22.27
N GLN B 162 -4.03 10.20 23.02
CA GLN B 162 -3.46 8.91 22.67
C GLN B 162 -3.59 7.95 23.84
N GLU B 163 -3.99 6.72 23.55
CA GLU B 163 -4.32 5.73 24.57
C GLU B 163 -3.34 4.58 24.53
N SER B 164 -2.97 4.08 25.71
CA SER B 164 -2.08 2.94 25.84
C SER B 164 -2.65 1.96 26.86
N VAL B 165 -2.58 0.67 26.54
CA VAL B 165 -3.11 -0.38 27.39
C VAL B 165 -2.04 -1.45 27.61
N THR B 166 -1.95 -1.95 28.84
CA THR B 166 -1.05 -3.05 29.16
C THR B 166 -1.68 -4.39 28.80
N GLU B 167 -0.86 -5.44 28.84
CA GLU B 167 -1.32 -6.82 28.72
C GLU B 167 -1.89 -7.26 30.07
N GLN B 168 -2.36 -8.50 30.14
CA GLN B 168 -2.92 -9.02 31.38
C GLN B 168 -1.86 -9.01 32.48
N ASP B 169 -2.25 -8.51 33.66
CA ASP B 169 -1.35 -8.49 34.80
C ASP B 169 -1.18 -9.90 35.35
N SER B 170 0.06 -10.20 35.78
CA SER B 170 0.37 -11.54 36.28
C SER B 170 -0.31 -11.85 37.61
N LYS B 171 -0.78 -10.84 38.35
CA LYS B 171 -1.28 -11.06 39.70
C LYS B 171 -2.81 -11.06 39.77
N ASP B 172 -3.46 -10.01 39.28
CA ASP B 172 -4.90 -9.86 39.39
C ASP B 172 -5.62 -9.97 38.05
N SER B 173 -4.87 -10.22 36.96
CA SER B 173 -5.43 -10.52 35.64
C SER B 173 -6.37 -9.40 35.17
N THR B 174 -5.98 -8.16 35.42
CA THR B 174 -6.71 -6.99 34.98
C THR B 174 -5.88 -6.22 33.96
N TYR B 175 -6.47 -5.13 33.47
CA TYR B 175 -5.88 -4.32 32.43
C TYR B 175 -5.75 -2.89 32.97
N SER B 176 -4.82 -2.14 32.41
CA SER B 176 -4.59 -0.76 32.82
C SER B 176 -4.41 0.13 31.59
N LEU B 177 -5.07 1.28 31.59
CA LEU B 177 -5.11 2.14 30.43
C LEU B 177 -4.75 3.57 30.82
N SER B 178 -4.10 4.27 29.89
CA SER B 178 -3.84 5.69 30.02
C SER B 178 -4.31 6.41 28.78
N SER B 179 -4.81 7.62 29.00
CA SER B 179 -5.09 8.55 27.91
C SER B 179 -4.26 9.80 28.15
N THR B 180 -3.46 10.16 27.17
CA THR B 180 -2.58 11.32 27.24
C THR B 180 -3.17 12.38 26.31
N LEU B 181 -3.54 13.53 26.90
CA LEU B 181 -4.05 14.68 26.17
C LEU B 181 -2.88 15.64 25.95
N THR B 182 -2.51 15.87 24.69
CA THR B 182 -1.35 16.67 24.36
C THR B 182 -1.79 17.91 23.57
N LEU B 183 -1.68 19.08 24.19
CA LEU B 183 -1.99 20.34 23.52
C LEU B 183 -0.83 21.32 23.71
N SER B 184 -0.82 22.37 22.90
CA SER B 184 0.12 23.46 23.17
C SER B 184 -0.32 24.21 24.42
N LYS B 185 0.67 24.78 25.12
CA LYS B 185 0.41 25.43 26.41
C LYS B 185 -0.64 26.53 26.29
N ALA B 186 -0.68 27.23 25.16
CA ALA B 186 -1.69 28.27 24.97
C ALA B 186 -3.09 27.73 25.18
N ASP B 187 -3.35 26.51 24.70
CA ASP B 187 -4.65 25.88 24.94
C ASP B 187 -4.86 25.59 26.42
N TYR B 188 -3.79 25.16 27.11
CA TYR B 188 -3.87 24.82 28.53
C TYR B 188 -4.17 26.06 29.37
N GLU B 189 -3.71 27.22 28.94
CA GLU B 189 -4.02 28.48 29.62
C GLU B 189 -5.22 29.19 29.03
N LYS B 190 -5.80 28.64 27.96
CA LYS B 190 -7.02 29.18 27.36
C LYS B 190 -8.28 28.64 28.04
N HIS B 191 -8.15 27.67 28.94
CA HIS B 191 -9.28 26.98 29.55
C HIS B 191 -8.93 26.67 31.00
N LYS B 192 -9.94 26.30 31.79
CA LYS B 192 -9.77 26.20 33.24
C LYS B 192 -9.91 24.78 33.78
N VAL B 193 -11.03 24.11 33.55
CA VAL B 193 -11.35 22.84 34.19
C VAL B 193 -11.02 21.71 33.22
N TYR B 194 -10.35 20.67 33.71
CA TYR B 194 -9.97 19.52 32.90
C TYR B 194 -10.56 18.26 33.51
N ALA B 195 -11.41 17.58 32.75
CA ALA B 195 -12.19 16.46 33.24
C ALA B 195 -11.90 15.22 32.39
N CYS B 196 -11.76 14.09 33.07
CA CYS B 196 -11.64 12.78 32.42
C CYS B 196 -12.86 11.96 32.78
N GLU B 197 -13.60 11.51 31.75
CA GLU B 197 -14.81 10.72 31.91
C GLU B 197 -14.53 9.29 31.46
N VAL B 198 -14.90 8.33 32.31
CA VAL B 198 -14.64 6.91 32.09
C VAL B 198 -15.96 6.17 32.02
N THR B 199 -16.14 5.39 30.96
CA THR B 199 -17.33 4.57 30.76
C THR B 199 -16.89 3.12 30.76
N HIS B 200 -17.32 2.36 31.77
CA HIS B 200 -16.90 0.99 31.97
C HIS B 200 -18.07 0.19 32.53
N GLN B 201 -18.01 -1.13 32.33
CA GLN B 201 -19.06 -2.01 32.83
C GLN B 201 -19.14 -1.99 34.34
N GLY B 202 -17.99 -1.98 35.01
CA GLY B 202 -17.93 -2.01 36.46
C GLY B 202 -18.38 -0.74 37.15
N LEU B 203 -18.69 0.32 36.40
CA LEU B 203 -19.19 1.56 36.97
C LEU B 203 -20.69 1.66 36.71
N SER B 204 -21.48 1.79 37.78
CA SER B 204 -22.90 2.02 37.63
C SER B 204 -23.19 3.34 36.92
N SER B 205 -22.29 4.32 37.06
CA SER B 205 -22.40 5.61 36.41
C SER B 205 -20.97 6.07 36.13
N PRO B 206 -20.73 6.74 35.01
CA PRO B 206 -19.37 7.18 34.72
C PRO B 206 -18.85 8.13 35.79
N VAL B 207 -17.57 7.97 36.13
CA VAL B 207 -16.91 8.81 37.11
C VAL B 207 -16.07 9.84 36.36
N THR B 208 -16.20 11.10 36.75
CA THR B 208 -15.44 12.19 36.17
C THR B 208 -14.42 12.67 37.19
N LYS B 209 -13.14 12.60 36.83
CA LYS B 209 -12.08 13.11 37.69
C LYS B 209 -11.52 14.37 37.06
N SER B 210 -11.43 15.44 37.85
CA SER B 210 -11.20 16.76 37.30
C SER B 210 -10.23 17.55 38.18
N PHE B 211 -9.79 18.69 37.65
CA PHE B 211 -9.01 19.65 38.40
C PHE B 211 -9.11 21.00 37.69
N ASN B 212 -8.67 22.05 38.41
CA ASN B 212 -8.59 23.41 37.90
C ASN B 212 -7.15 23.89 37.93
N ARG B 213 -6.81 24.74 36.96
CA ARG B 213 -5.48 25.33 36.89
C ARG B 213 -5.28 26.27 38.07
N GLY B 214 -4.48 25.86 39.04
CA GLY B 214 -4.24 26.67 40.23
C GLY B 214 -2.81 26.59 40.73
N HIS C 7 4.53 -39.31 -33.55
CA HIS C 7 4.01 -39.30 -32.20
C HIS C 7 4.87 -38.42 -31.28
N LYS C 8 5.77 -37.66 -31.88
CA LYS C 8 6.64 -36.75 -31.14
C LYS C 8 6.12 -35.32 -31.10
N GLU C 9 5.48 -34.86 -32.17
CA GLU C 9 4.93 -33.51 -32.21
C GLU C 9 3.71 -33.35 -31.32
N SER C 10 3.09 -34.46 -30.91
CA SER C 10 1.86 -34.42 -30.12
C SER C 10 2.11 -34.51 -28.62
N CYS C 11 3.37 -34.50 -28.17
CA CYS C 11 3.72 -34.59 -26.76
C CYS C 11 4.25 -33.25 -26.28
N ASN C 12 3.44 -32.53 -25.50
CA ASN C 12 3.84 -31.26 -24.91
C ASN C 12 4.37 -31.48 -23.49
N GLY C 13 5.50 -32.18 -23.42
CA GLY C 13 6.13 -32.49 -22.15
C GLY C 13 7.51 -33.07 -22.33
N LEU C 14 7.86 -34.09 -21.54
CA LEU C 14 9.16 -34.74 -21.64
C LEU C 14 8.95 -36.07 -22.34
N TYR C 15 9.53 -36.22 -23.52
CA TYR C 15 9.37 -37.40 -24.35
C TYR C 15 10.63 -38.26 -24.24
N TYR C 16 10.46 -39.53 -23.86
CA TYR C 16 11.60 -40.46 -23.84
C TYR C 16 11.19 -41.73 -24.57
N GLN C 17 11.18 -41.60 -25.90
CA GLN C 17 11.08 -42.59 -26.96
C GLN C 17 9.71 -43.26 -27.02
N GLY C 18 8.93 -43.21 -25.93
CA GLY C 18 7.57 -43.69 -26.00
C GLY C 18 6.65 -43.20 -24.91
N SER C 19 7.21 -42.44 -23.97
CA SER C 19 6.49 -41.92 -22.82
C SER C 19 6.53 -40.39 -22.82
N CYS C 20 5.37 -39.78 -22.60
CA CYS C 20 5.22 -38.34 -22.53
C CYS C 20 4.90 -37.98 -21.08
N TYR C 21 5.75 -37.17 -20.46
CA TYR C 21 5.59 -36.74 -19.08
C TYR C 21 5.11 -35.29 -19.06
N ILE C 22 3.94 -35.07 -18.48
CA ILE C 22 3.38 -33.73 -18.32
C ILE C 22 3.62 -33.26 -16.89
N LEU C 23 4.25 -32.09 -16.74
CA LEU C 23 4.51 -31.49 -15.44
C LEU C 23 3.28 -30.73 -14.92
N HIS C 24 3.10 -30.72 -13.60
CA HIS C 24 2.06 -29.92 -12.95
C HIS C 24 2.72 -28.93 -12.00
N SER C 25 2.71 -27.64 -12.39
CA SER C 25 3.30 -26.60 -11.57
C SER C 25 2.55 -26.45 -10.26
N ASP C 26 1.28 -26.80 -10.23
CA ASP C 26 0.50 -26.76 -9.00
C ASP C 26 0.94 -27.88 -8.06
N TYR C 27 0.97 -27.58 -6.77
CA TYR C 27 1.46 -28.49 -5.75
C TYR C 27 0.31 -29.32 -5.18
N LYS C 28 0.40 -30.64 -5.30
CA LYS C 28 -0.57 -31.55 -4.72
C LYS C 28 0.15 -32.56 -3.84
N SER C 29 -0.61 -33.21 -2.96
CA SER C 29 -0.09 -34.30 -2.15
C SER C 29 0.14 -35.54 -3.02
N PHE C 30 0.68 -36.59 -2.39
CA PHE C 30 0.94 -37.83 -3.12
C PHE C 30 -0.36 -38.49 -3.57
N GLU C 31 -1.31 -38.66 -2.65
CA GLU C 31 -2.58 -39.29 -2.99
C GLU C 31 -3.33 -38.45 -4.02
N ASP C 32 -3.32 -37.14 -3.83
CA ASP C 32 -3.98 -36.24 -4.77
C ASP C 32 -3.34 -36.29 -6.14
N ALA C 33 -2.00 -36.31 -6.20
CA ALA C 33 -1.31 -36.41 -7.48
C ALA C 33 -1.62 -37.73 -8.17
N LYS C 34 -1.68 -38.82 -7.40
CA LYS C 34 -2.05 -40.11 -7.96
C LYS C 34 -3.45 -40.06 -8.55
N ALA C 35 -4.39 -39.44 -7.83
CA ALA C 35 -5.75 -39.33 -8.35
C ALA C 35 -5.80 -38.48 -9.62
N ASN C 36 -5.05 -37.39 -9.66
CA ASN C 36 -5.05 -36.53 -10.84
C ASN C 36 -4.47 -37.26 -12.05
N CYS C 37 -3.34 -37.95 -11.86
CA CYS C 37 -2.77 -38.72 -12.96
C CYS C 37 -3.71 -39.82 -13.43
N ALA C 38 -4.40 -40.49 -12.49
CA ALA C 38 -5.37 -41.49 -12.89
C ALA C 38 -6.50 -40.87 -13.69
N ALA C 39 -6.93 -39.67 -13.30
CA ALA C 39 -7.95 -38.93 -14.04
C ALA C 39 -7.44 -38.46 -15.40
N GLU C 40 -6.13 -38.48 -15.63
CA GLU C 40 -5.57 -38.23 -16.96
C GLU C 40 -5.09 -39.51 -17.63
N SER C 41 -5.53 -40.67 -17.15
CA SER C 41 -5.15 -41.98 -17.69
C SER C 41 -3.64 -42.18 -17.69
N SER C 42 -2.96 -41.55 -16.74
CA SER C 42 -1.51 -41.60 -16.61
C SER C 42 -1.15 -42.00 -15.19
N THR C 43 0.15 -42.03 -14.91
CA THR C 43 0.66 -42.38 -13.59
C THR C 43 1.86 -41.49 -13.26
N LEU C 44 2.15 -41.41 -11.97
CA LEU C 44 3.37 -40.73 -11.55
C LEU C 44 4.58 -41.54 -12.01
N PRO C 45 5.66 -40.89 -12.44
CA PRO C 45 6.79 -41.63 -13.00
C PRO C 45 7.43 -42.57 -11.99
N ASN C 46 7.68 -43.80 -12.43
CA ASN C 46 8.45 -44.76 -11.65
C ASN C 46 9.92 -44.39 -11.75
N LYS C 47 10.62 -44.38 -10.61
CA LYS C 47 12.01 -43.93 -10.57
C LYS C 47 12.91 -44.73 -11.51
N SER C 48 12.59 -46.00 -11.76
CA SER C 48 13.48 -46.83 -12.57
C SER C 48 13.64 -46.29 -13.98
N ASP C 49 12.56 -45.77 -14.57
CA ASP C 49 12.64 -45.22 -15.91
C ASP C 49 13.44 -43.93 -15.97
N VAL C 50 13.78 -43.35 -14.82
CA VAL C 50 14.45 -42.05 -14.74
C VAL C 50 15.72 -42.21 -13.91
N LEU C 51 16.10 -43.46 -13.62
CA LEU C 51 17.24 -43.70 -12.73
C LEU C 51 18.55 -43.14 -13.28
N THR C 52 18.83 -43.35 -14.57
CA THR C 52 20.13 -43.00 -15.14
C THR C 52 20.00 -42.20 -16.44
N THR C 53 18.89 -41.51 -16.65
CA THR C 53 18.60 -40.82 -17.89
C THR C 53 19.02 -39.35 -17.81
N TRP C 54 18.54 -38.53 -18.73
CA TRP C 54 18.69 -37.08 -18.62
C TRP C 54 17.53 -36.41 -17.88
N LEU C 55 16.45 -37.13 -17.61
CA LEU C 55 15.25 -36.53 -17.03
C LEU C 55 15.36 -36.23 -15.54
N ILE C 56 16.37 -36.72 -14.82
CA ILE C 56 16.38 -36.55 -13.37
C ILE C 56 16.39 -35.07 -13.00
N ASP C 57 17.14 -34.26 -13.76
CA ASP C 57 17.24 -32.84 -13.46
C ASP C 57 15.87 -32.17 -13.50
N TYR C 58 14.90 -32.78 -14.19
CA TYR C 58 13.53 -32.28 -14.21
C TYR C 58 12.65 -32.92 -13.15
N VAL C 59 12.92 -34.18 -12.80
CA VAL C 59 12.06 -34.96 -11.91
C VAL C 59 12.57 -34.94 -10.46
N GLU C 60 13.60 -34.16 -10.18
CA GLU C 60 14.13 -34.08 -8.82
C GLU C 60 13.11 -33.44 -7.90
N ASP C 61 12.94 -34.01 -6.70
CA ASP C 61 12.00 -33.53 -5.69
C ASP C 61 10.55 -33.55 -6.20
N THR C 62 10.26 -34.44 -7.14
CA THR C 62 8.92 -34.63 -7.68
C THR C 62 8.38 -35.99 -7.24
N TRP C 63 7.06 -36.12 -7.24
CA TRP C 63 6.42 -37.34 -6.73
C TRP C 63 6.77 -38.56 -7.59
N GLY C 64 6.92 -39.70 -6.91
CA GLY C 64 7.08 -40.98 -7.56
C GLY C 64 5.87 -41.88 -7.34
N SER C 65 5.92 -43.03 -8.02
CA SER C 65 4.86 -44.01 -7.88
C SER C 65 4.93 -44.71 -6.52
N ASP C 66 6.11 -44.79 -5.93
CA ASP C 66 6.33 -45.44 -4.65
C ASP C 66 5.98 -44.57 -3.44
N GLY C 67 5.47 -43.36 -3.66
CA GLY C 67 5.13 -42.47 -2.57
C GLY C 67 6.33 -41.71 -2.05
N ASN C 68 7.49 -42.35 -2.05
CA ASN C 68 8.72 -41.67 -1.68
C ASN C 68 9.14 -40.72 -2.80
N PRO C 69 9.69 -39.56 -2.48
CA PRO C 69 10.12 -38.64 -3.54
C PRO C 69 11.30 -39.21 -4.32
N ILE C 70 11.55 -38.60 -5.47
CA ILE C 70 12.56 -39.05 -6.42
C ILE C 70 13.81 -38.21 -6.25
N THR C 71 14.93 -38.86 -5.92
CA THR C 71 16.19 -38.17 -5.70
C THR C 71 17.32 -38.91 -6.41
N LYS C 72 18.35 -38.17 -6.82
CA LYS C 72 19.51 -38.77 -7.49
C LYS C 72 20.28 -39.70 -6.56
N THR C 73 20.72 -39.17 -5.43
CA THR C 73 21.49 -39.96 -4.48
C THR C 73 20.58 -40.98 -3.82
N THR C 74 21.20 -42.05 -3.32
CA THR C 74 20.46 -43.00 -2.53
C THR C 74 19.87 -42.28 -1.33
N SER C 75 18.70 -42.72 -0.91
CA SER C 75 17.97 -42.00 0.13
C SER C 75 18.84 -41.89 1.38
N ASP C 76 18.86 -40.70 1.98
CA ASP C 76 19.75 -40.47 3.10
C ASP C 76 19.20 -41.02 4.41
N TYR C 77 18.28 -41.97 4.28
CA TYR C 77 17.88 -42.91 5.33
C TYR C 77 17.08 -42.33 6.49
N GLN C 78 16.29 -41.27 6.26
CA GLN C 78 15.41 -40.77 7.31
C GLN C 78 14.00 -40.48 6.79
N ASP C 79 13.55 -41.20 5.76
CA ASP C 79 12.21 -41.01 5.21
C ASP C 79 11.20 -41.68 6.15
N SER C 80 10.75 -40.93 7.15
CA SER C 80 9.72 -41.42 8.06
C SER C 80 8.31 -41.16 7.51
N ASP C 81 7.93 -39.89 7.35
CA ASP C 81 6.56 -39.53 6.98
C ASP C 81 6.62 -38.64 5.75
N VAL C 82 6.23 -39.19 4.60
CA VAL C 82 6.12 -38.43 3.36
C VAL C 82 4.72 -37.87 3.13
N SER C 83 3.71 -38.43 3.81
CA SER C 83 2.33 -38.02 3.54
C SER C 83 2.10 -36.53 3.76
N GLN C 84 2.88 -35.88 4.62
CA GLN C 84 2.57 -34.50 5.01
C GLN C 84 3.48 -33.50 4.27
N GLU C 85 3.18 -33.27 3.00
CA GLU C 85 3.89 -32.32 2.15
C GLU C 85 3.18 -32.24 0.81
N VAL C 86 3.35 -31.10 0.14
CA VAL C 86 2.88 -30.91 -1.24
C VAL C 86 4.09 -30.74 -2.14
N ARG C 87 4.04 -31.36 -3.32
CA ARG C 87 5.15 -31.28 -4.26
C ARG C 87 4.62 -31.21 -5.68
N LYS C 88 5.52 -30.88 -6.60
CA LYS C 88 5.25 -30.95 -8.03
C LYS C 88 5.25 -32.41 -8.48
N TYR C 89 4.68 -32.66 -9.66
CA TYR C 89 4.57 -34.03 -10.13
C TYR C 89 4.41 -34.07 -11.63
N PHE C 90 4.69 -35.24 -12.19
CA PHE C 90 4.50 -35.55 -13.61
C PHE C 90 3.47 -36.66 -13.78
N CYS C 91 2.77 -36.63 -14.90
CA CYS C 91 1.91 -37.73 -15.30
C CYS C 91 2.38 -38.29 -16.64
N THR C 92 2.47 -39.61 -16.74
CA THR C 92 2.93 -40.26 -17.97
C THR C 92 2.03 -41.41 -18.41
N CYS D 11 17.00 -34.84 -29.21
CA CYS D 11 16.77 -33.74 -28.29
C CYS D 11 16.38 -34.26 -26.91
N ASN D 12 17.31 -34.19 -25.96
CA ASN D 12 17.07 -34.62 -24.59
C ASN D 12 16.63 -33.45 -23.72
N GLY D 13 15.49 -32.86 -24.07
CA GLY D 13 15.00 -31.69 -23.37
C GLY D 13 13.60 -31.28 -23.78
N LEU D 14 13.38 -29.98 -23.95
CA LEU D 14 12.07 -29.46 -24.32
C LEU D 14 12.09 -29.07 -25.80
N TYR D 15 11.26 -29.72 -26.60
CA TYR D 15 11.19 -29.48 -28.04
C TYR D 15 9.96 -28.62 -28.34
N TYR D 16 10.20 -27.46 -28.96
CA TYR D 16 9.12 -26.56 -29.37
C TYR D 16 9.45 -25.99 -30.75
N GLN D 17 8.69 -26.43 -31.77
CA GLN D 17 8.69 -25.78 -33.09
C GLN D 17 9.97 -26.08 -33.86
N GLY D 18 10.94 -26.70 -33.21
CA GLY D 18 12.21 -26.99 -33.85
C GLY D 18 13.37 -26.57 -32.97
N SER D 19 13.06 -26.03 -31.79
CA SER D 19 14.07 -25.59 -30.85
C SER D 19 14.12 -26.55 -29.67
N CYS D 20 15.32 -26.95 -29.29
CA CYS D 20 15.54 -27.89 -28.19
C CYS D 20 16.17 -27.14 -27.02
N TYR D 21 15.49 -27.15 -25.88
CA TYR D 21 15.93 -26.46 -24.68
C TYR D 21 16.50 -27.45 -23.68
N ILE D 22 17.76 -27.25 -23.31
CA ILE D 22 18.43 -28.04 -22.28
C ILE D 22 18.45 -27.24 -20.99
N LEU D 23 17.92 -27.86 -19.94
CA LEU D 23 17.89 -27.28 -18.61
C LEU D 23 19.23 -27.50 -17.90
N HIS D 24 19.59 -26.56 -17.05
CA HIS D 24 20.77 -26.68 -16.19
C HIS D 24 20.26 -26.66 -14.76
N SER D 25 20.21 -27.85 -14.13
CA SER D 25 19.64 -27.94 -12.79
C SER D 25 20.47 -27.16 -11.77
N ASP D 26 21.78 -27.07 -11.99
CA ASP D 26 22.64 -26.26 -11.13
C ASP D 26 22.41 -24.77 -11.39
N TYR D 27 22.47 -23.99 -10.31
CA TYR D 27 22.09 -22.58 -10.31
C TYR D 27 23.28 -21.66 -10.59
N LYS D 28 23.14 -20.82 -11.62
CA LYS D 28 24.14 -19.83 -12.00
C LYS D 28 23.54 -18.42 -11.97
N SER D 29 24.43 -17.43 -11.94
CA SER D 29 24.02 -16.05 -12.12
C SER D 29 23.66 -15.84 -13.59
N PHE D 30 23.19 -14.63 -13.91
CA PHE D 30 22.80 -14.34 -15.29
C PHE D 30 24.00 -14.41 -16.22
N GLU D 31 25.09 -13.75 -15.85
CA GLU D 31 26.28 -13.72 -16.69
C GLU D 31 26.87 -15.11 -16.90
N ASP D 32 26.96 -15.89 -15.82
CA ASP D 32 27.51 -17.25 -15.93
C ASP D 32 26.64 -18.12 -16.81
N ALA D 33 25.32 -18.03 -16.64
CA ALA D 33 24.41 -18.82 -17.45
C ALA D 33 24.49 -18.45 -18.93
N LYS D 34 24.53 -17.15 -19.23
CA LYS D 34 24.67 -16.74 -20.62
C LYS D 34 26.00 -17.21 -21.20
N ALA D 35 27.07 -17.15 -20.41
CA ALA D 35 28.36 -17.64 -20.90
C ALA D 35 28.28 -19.12 -21.23
N ASN D 36 27.57 -19.91 -20.40
CA ASN D 36 27.39 -21.33 -20.70
C ASN D 36 26.63 -21.54 -22.00
N CYS D 37 25.52 -20.81 -22.17
CA CYS D 37 24.75 -20.98 -23.40
C CYS D 37 25.56 -20.57 -24.62
N ALA D 38 26.32 -19.48 -24.52
CA ALA D 38 27.17 -19.05 -25.63
C ALA D 38 28.24 -20.10 -25.93
N ALA D 39 28.80 -20.72 -24.89
CA ALA D 39 29.77 -21.78 -25.07
C ALA D 39 29.17 -23.05 -25.65
N GLU D 40 27.84 -23.18 -25.65
CA GLU D 40 27.18 -24.28 -26.35
C GLU D 40 26.51 -23.84 -27.65
N SER D 41 26.89 -22.68 -28.18
CA SER D 41 26.31 -22.15 -29.42
C SER D 41 24.80 -22.00 -29.30
N SER D 42 24.33 -21.76 -28.08
CA SER D 42 22.92 -21.64 -27.77
C SER D 42 22.68 -20.31 -27.07
N THR D 43 21.44 -20.06 -26.70
CA THR D 43 21.07 -18.82 -26.03
C THR D 43 20.07 -19.13 -24.92
N LEU D 44 19.96 -18.20 -23.99
CA LEU D 44 18.89 -18.28 -23.01
C LEU D 44 17.56 -18.07 -23.72
N PRO D 45 16.49 -18.76 -23.31
CA PRO D 45 15.24 -18.70 -24.06
C PRO D 45 14.70 -17.28 -24.14
N ASN D 46 14.20 -16.92 -25.30
CA ASN D 46 13.50 -15.65 -25.43
C ASN D 46 12.19 -15.75 -24.68
N LYS D 47 11.97 -14.81 -23.76
CA LYS D 47 10.80 -14.87 -22.90
C LYS D 47 9.52 -14.77 -23.72
N SER D 48 9.55 -13.97 -24.78
CA SER D 48 8.37 -13.80 -25.63
C SER D 48 8.03 -15.10 -26.37
N ASP D 49 9.05 -15.83 -26.84
CA ASP D 49 8.80 -17.01 -27.66
C ASP D 49 8.25 -18.19 -26.88
N VAL D 50 8.35 -18.18 -25.54
CA VAL D 50 7.88 -19.31 -24.73
C VAL D 50 6.96 -18.87 -23.61
N LEU D 51 6.66 -17.57 -23.50
CA LEU D 51 5.84 -17.07 -22.41
C LEU D 51 4.41 -17.60 -22.50
N THR D 52 3.91 -17.81 -23.72
CA THR D 52 2.51 -18.15 -23.94
C THR D 52 2.36 -19.58 -24.43
N THR D 53 3.37 -20.41 -24.23
CA THR D 53 3.34 -21.81 -24.61
C THR D 53 3.05 -22.66 -23.38
N TRP D 54 3.21 -23.97 -23.51
CA TRP D 54 3.16 -24.88 -22.39
C TRP D 54 4.50 -25.02 -21.69
N LEU D 55 5.56 -24.48 -22.29
CA LEU D 55 6.90 -24.58 -21.75
C LEU D 55 7.10 -23.73 -20.51
N ILE D 56 6.16 -22.83 -20.22
CA ILE D 56 6.35 -21.87 -19.13
C ILE D 56 6.54 -22.60 -17.80
N ASP D 57 5.79 -23.69 -17.58
CA ASP D 57 5.90 -24.42 -16.33
C ASP D 57 7.30 -24.96 -16.11
N TYR D 58 8.07 -25.14 -17.18
CA TYR D 58 9.47 -25.53 -17.06
C TYR D 58 10.40 -24.33 -17.05
N VAL D 59 10.01 -23.25 -17.71
CA VAL D 59 10.83 -22.06 -17.86
C VAL D 59 10.51 -21.02 -16.79
N GLU D 60 9.69 -21.40 -15.81
CA GLU D 60 9.41 -20.51 -14.69
C GLU D 60 10.67 -20.30 -13.84
N ASP D 61 10.92 -19.04 -13.48
CA ASP D 61 12.04 -18.63 -12.63
C ASP D 61 13.39 -18.99 -13.21
N THR D 62 13.49 -19.14 -14.53
CA THR D 62 14.76 -19.39 -15.19
C THR D 62 15.15 -18.19 -16.04
N TRP D 63 16.45 -18.11 -16.35
CA TRP D 63 16.98 -16.95 -17.06
C TRP D 63 16.40 -16.85 -18.46
N GLY D 64 16.19 -15.62 -18.91
CA GLY D 64 15.79 -15.32 -20.27
C GLY D 64 16.92 -14.70 -21.07
N SER D 65 16.64 -14.45 -22.35
CA SER D 65 17.67 -13.84 -23.18
C SER D 65 17.93 -12.41 -22.76
N ASP D 66 16.93 -11.72 -22.22
CA ASP D 66 17.11 -10.40 -21.67
C ASP D 66 17.58 -10.52 -20.22
N GLY D 67 17.89 -9.37 -19.61
CA GLY D 67 18.26 -9.38 -18.21
C GLY D 67 17.12 -9.86 -17.33
N ASN D 68 15.89 -9.59 -17.75
CA ASN D 68 14.70 -9.95 -16.97
C ASN D 68 14.39 -11.45 -16.98
N PRO D 69 13.87 -11.99 -15.88
CA PRO D 69 13.48 -13.39 -15.86
C PRO D 69 12.18 -13.66 -16.64
N ILE D 70 11.92 -14.94 -16.84
CA ILE D 70 10.67 -15.43 -17.40
C ILE D 70 9.85 -15.87 -16.19
N THR D 71 8.76 -15.15 -15.93
CA THR D 71 7.87 -15.40 -14.82
C THR D 71 6.46 -15.25 -15.36
N LYS D 72 5.53 -15.97 -14.75
CA LYS D 72 4.16 -15.91 -15.23
C LYS D 72 3.53 -14.55 -14.93
N THR D 73 3.36 -14.22 -13.65
CA THR D 73 2.85 -12.89 -13.28
C THR D 73 3.97 -11.85 -13.29
N THR D 74 3.59 -10.61 -13.56
CA THR D 74 4.53 -9.50 -13.44
C THR D 74 4.93 -9.30 -11.99
N SER D 75 6.18 -8.93 -11.76
CA SER D 75 6.71 -8.74 -10.41
C SER D 75 6.48 -7.32 -9.94
N ASP D 76 6.04 -7.18 -8.70
CA ASP D 76 5.84 -5.85 -8.14
C ASP D 76 7.16 -5.33 -7.57
N TYR D 77 7.27 -4.01 -7.50
CA TYR D 77 8.39 -3.35 -6.82
C TYR D 77 9.71 -3.60 -7.52
N GLN D 78 10.47 -4.59 -7.02
CA GLN D 78 11.80 -4.97 -7.53
C GLN D 78 12.74 -3.76 -7.60
N ASP D 79 12.59 -2.86 -6.64
CA ASP D 79 13.44 -1.70 -6.58
C ASP D 79 14.85 -2.01 -6.07
N SER D 80 15.26 -3.26 -5.98
CA SER D 80 16.65 -3.60 -5.63
C SER D 80 17.48 -3.60 -6.91
N ASP D 81 18.67 -3.03 -6.82
CA ASP D 81 19.48 -2.77 -8.01
C ASP D 81 20.85 -3.45 -7.94
N VAL D 82 20.94 -4.55 -7.19
CA VAL D 82 22.17 -5.33 -7.22
C VAL D 82 22.05 -6.46 -8.26
N SER D 83 20.83 -6.89 -8.55
CA SER D 83 20.50 -7.92 -9.54
C SER D 83 21.38 -9.16 -9.53
N GLN D 84 21.95 -9.52 -8.38
CA GLN D 84 22.84 -10.68 -8.29
C GLN D 84 22.06 -11.86 -7.70
N GLU D 85 21.28 -12.46 -8.59
CA GLU D 85 20.43 -13.59 -8.19
C GLU D 85 20.92 -14.82 -8.94
N VAL D 86 21.03 -15.95 -8.25
CA VAL D 86 21.39 -17.20 -8.96
C VAL D 86 20.10 -17.96 -9.30
N ARG D 87 20.05 -18.61 -10.46
CA ARG D 87 18.81 -19.28 -10.90
C ARG D 87 19.16 -20.39 -11.89
N LYS D 88 18.17 -21.16 -12.35
CA LYS D 88 18.44 -22.17 -13.41
C LYS D 88 18.27 -21.50 -14.78
N TYR D 89 18.67 -22.18 -15.85
CA TYR D 89 18.62 -21.53 -17.18
C TYR D 89 18.51 -22.58 -18.28
N PHE D 90 18.07 -22.14 -19.46
CA PHE D 90 17.88 -23.08 -20.58
C PHE D 90 18.71 -22.65 -21.77
N CYS D 91 19.36 -23.60 -22.44
CA CYS D 91 20.09 -23.25 -23.66
C CYS D 91 19.44 -23.95 -24.85
N THR D 92 19.24 -23.22 -25.94
CA THR D 92 18.64 -23.78 -27.15
C THR D 92 19.46 -23.38 -28.37
N GLY D 93 19.76 -24.35 -29.21
CA GLY D 93 20.57 -24.10 -30.40
C GLY D 93 20.10 -24.87 -31.61
N GLN E 1 -5.78 33.75 -22.91
CA GLN E 1 -5.78 32.29 -22.92
C GLN E 1 -4.73 31.73 -21.97
N VAL E 2 -4.92 30.50 -21.52
CA VAL E 2 -3.97 29.79 -20.68
C VAL E 2 -3.83 28.37 -21.20
N GLN E 3 -2.59 27.88 -21.29
CA GLN E 3 -2.34 26.53 -21.77
C GLN E 3 -1.28 25.86 -20.92
N LEU E 4 -1.44 24.55 -20.71
CA LEU E 4 -0.46 23.73 -20.01
C LEU E 4 -0.41 22.37 -20.70
N VAL E 5 0.78 21.95 -21.11
CA VAL E 5 0.93 20.75 -21.94
C VAL E 5 2.08 19.87 -21.43
N GLN E 6 2.07 18.62 -21.88
CA GLN E 6 3.10 17.64 -21.52
C GLN E 6 3.08 16.49 -22.50
N SER E 7 4.28 16.00 -22.84
CA SER E 7 4.45 14.78 -23.64
C SER E 7 4.30 13.57 -22.74
N GLY E 8 3.09 13.04 -22.66
CA GLY E 8 2.77 11.91 -21.80
C GLY E 8 2.93 10.56 -22.47
N ALA E 9 2.15 9.59 -22.00
CA ALA E 9 2.17 8.21 -22.50
C ALA E 9 3.57 7.62 -22.45
N GLU E 10 4.19 7.68 -21.27
CA GLU E 10 5.56 7.23 -21.05
C GLU E 10 5.52 5.91 -20.30
N VAL E 11 5.54 4.81 -21.05
CA VAL E 11 5.59 3.48 -20.44
C VAL E 11 6.98 3.24 -19.87
N LYS E 12 7.05 2.87 -18.60
CA LYS E 12 8.31 2.66 -17.89
C LYS E 12 8.26 1.38 -17.08
N LYS E 13 9.39 0.68 -17.05
CA LYS E 13 9.51 -0.49 -16.19
C LYS E 13 9.68 -0.04 -14.74
N PRO E 14 9.18 -0.83 -13.79
CA PRO E 14 9.39 -0.48 -12.37
C PRO E 14 10.86 -0.55 -12.02
N GLY E 15 11.24 0.29 -11.06
CA GLY E 15 12.63 0.53 -10.72
C GLY E 15 13.24 1.72 -11.42
N ALA E 16 12.70 2.10 -12.58
CA ALA E 16 13.17 3.27 -13.31
C ALA E 16 12.56 4.53 -12.71
N SER E 17 12.81 5.68 -13.35
CA SER E 17 12.36 6.97 -12.86
C SER E 17 11.73 7.75 -14.00
N VAL E 18 10.45 8.07 -13.86
CA VAL E 18 9.73 8.84 -14.86
C VAL E 18 9.81 10.32 -14.53
N LYS E 19 10.05 11.14 -15.53
CA LYS E 19 10.12 12.60 -15.37
C LYS E 19 9.08 13.23 -16.27
N VAL E 20 7.93 13.57 -15.70
CA VAL E 20 6.86 14.23 -16.44
C VAL E 20 7.13 15.73 -16.45
N SER E 21 7.06 16.33 -17.64
CA SER E 21 7.21 17.77 -17.74
C SER E 21 5.84 18.43 -17.78
N CYS E 22 5.83 19.75 -17.69
CA CYS E 22 4.60 20.53 -17.81
C CYS E 22 5.01 21.93 -18.24
N LYS E 23 4.78 22.25 -19.50
CA LYS E 23 5.02 23.59 -20.01
C LYS E 23 3.78 24.43 -19.82
N ALA E 24 3.94 25.58 -19.19
CA ALA E 24 2.85 26.50 -18.92
C ALA E 24 3.03 27.76 -19.76
N SER E 25 1.90 28.34 -20.16
CA SER E 25 1.91 29.55 -20.98
C SER E 25 0.58 30.26 -20.80
N GLY E 26 0.58 31.57 -20.98
CA GLY E 26 -0.62 32.38 -20.89
C GLY E 26 -0.72 33.22 -19.64
N TYR E 27 0.12 32.98 -18.64
CA TYR E 27 0.13 33.74 -17.40
C TYR E 27 1.58 33.96 -16.99
N THR E 28 1.79 34.66 -15.87
CA THR E 28 3.15 34.84 -15.37
C THR E 28 3.54 33.55 -14.65
N PHE E 29 4.52 32.85 -15.21
CA PHE E 29 4.87 31.53 -14.67
C PHE E 29 5.37 31.64 -13.24
N THR E 30 6.15 32.68 -12.93
CA THR E 30 6.76 32.79 -11.61
C THR E 30 5.81 33.27 -10.53
N GLY E 31 4.58 33.63 -10.89
CA GLY E 31 3.67 34.21 -9.92
C GLY E 31 2.73 33.23 -9.22
N TYR E 32 2.54 32.04 -9.78
CA TYR E 32 1.54 31.10 -9.28
C TYR E 32 2.16 29.74 -9.04
N TYR E 33 1.72 29.07 -7.98
CA TYR E 33 2.18 27.71 -7.73
C TYR E 33 1.61 26.74 -8.75
N ILE E 34 2.44 25.77 -9.13
CA ILE E 34 2.06 24.66 -9.98
C ILE E 34 1.90 23.43 -9.09
N HIS E 35 0.77 22.75 -9.21
CA HIS E 35 0.42 21.59 -8.41
C HIS E 35 0.31 20.36 -9.30
N TRP E 36 0.58 19.20 -8.71
CA TRP E 36 0.52 17.93 -9.40
C TRP E 36 -0.58 17.07 -8.76
N VAL E 37 -1.39 16.45 -9.59
CA VAL E 37 -2.47 15.58 -9.13
C VAL E 37 -2.34 14.23 -9.80
N ARG E 38 -2.49 13.15 -9.05
CA ARG E 38 -2.41 11.82 -9.61
C ARG E 38 -3.78 11.14 -9.55
N GLN E 39 -4.10 10.39 -10.59
CA GLN E 39 -5.36 9.67 -10.71
C GLN E 39 -5.04 8.20 -10.94
N ALA E 40 -5.21 7.38 -9.92
CA ALA E 40 -5.09 5.94 -10.10
C ALA E 40 -6.28 5.40 -10.87
N PRO E 41 -6.10 4.34 -11.66
CA PRO E 41 -7.22 3.82 -12.45
C PRO E 41 -8.43 3.47 -11.60
N GLY E 42 -8.21 2.91 -10.41
CA GLY E 42 -9.29 2.61 -9.51
C GLY E 42 -9.65 3.78 -8.62
N GLN E 43 -8.64 4.47 -8.09
CA GLN E 43 -8.85 5.54 -7.13
C GLN E 43 -9.31 6.81 -7.87
N GLY E 44 -9.38 7.92 -7.14
CA GLY E 44 -9.76 9.20 -7.68
C GLY E 44 -8.61 10.19 -7.67
N LEU E 45 -8.95 11.44 -7.98
CA LEU E 45 -7.94 12.50 -8.02
C LEU E 45 -7.32 12.72 -6.64
N GLU E 46 -5.99 12.71 -6.60
CA GLU E 46 -5.22 12.82 -5.36
C GLU E 46 -4.19 13.93 -5.52
N TRP E 47 -4.26 14.93 -4.65
CA TRP E 47 -3.24 15.96 -4.64
C TRP E 47 -1.91 15.33 -4.22
N MET E 48 -0.85 15.62 -4.97
CA MET E 48 0.46 15.04 -4.73
C MET E 48 1.46 16.03 -4.17
N GLY E 49 1.45 17.26 -4.67
CA GLY E 49 2.37 18.26 -4.17
C GLY E 49 2.31 19.54 -4.99
N ARG E 50 3.23 20.44 -4.67
CA ARG E 50 3.31 21.75 -5.29
C ARG E 50 4.74 22.25 -5.25
N ILE E 51 5.03 23.19 -6.15
CA ILE E 51 6.37 23.77 -6.26
C ILE E 51 6.25 25.23 -6.67
N ASN E 52 7.16 26.06 -6.17
CA ASN E 52 7.18 27.47 -6.52
C ASN E 52 8.13 27.68 -7.68
N PRO E 53 7.66 28.09 -8.85
CA PRO E 53 8.57 28.42 -9.96
C PRO E 53 9.37 29.70 -9.75
N ASN E 54 9.12 30.45 -8.68
CA ASN E 54 9.87 31.66 -8.39
C ASN E 54 11.03 31.41 -7.43
N THR E 55 10.87 30.49 -6.48
CA THR E 55 11.87 30.20 -5.47
C THR E 55 12.48 28.82 -5.59
N GLY E 56 11.71 27.84 -6.07
CA GLY E 56 12.15 26.46 -6.11
C GLY E 56 11.72 25.60 -4.94
N GLY E 57 10.96 26.15 -4.00
CA GLY E 57 10.52 25.36 -2.86
C GLY E 57 9.46 24.35 -3.25
N THR E 58 9.50 23.20 -2.58
CA THR E 58 8.61 22.09 -2.88
C THR E 58 7.89 21.63 -1.62
N ASN E 59 6.58 21.42 -1.72
CA ASN E 59 5.78 20.87 -0.63
C ASN E 59 5.05 19.63 -1.16
N TYR E 60 5.39 18.46 -0.62
CA TYR E 60 4.86 17.19 -1.07
C TYR E 60 3.85 16.63 -0.08
N ALA E 61 3.03 15.69 -0.57
CA ALA E 61 2.17 14.91 0.30
C ALA E 61 2.97 13.83 1.01
N GLN E 62 2.40 13.32 2.11
CA GLN E 62 3.12 12.33 2.92
C GLN E 62 3.48 11.09 2.11
N ARG E 63 2.51 10.53 1.37
CA ARG E 63 2.80 9.29 0.63
C ARG E 63 3.73 9.52 -0.56
N PHE E 64 4.13 10.76 -0.83
CA PHE E 64 5.02 11.08 -1.93
C PHE E 64 6.22 11.91 -1.48
N ARG E 65 6.53 11.93 -0.19
CA ARG E 65 7.65 12.72 0.30
C ARG E 65 8.92 11.87 0.26
N GLY E 66 9.87 12.30 -0.56
CA GLY E 66 11.11 11.61 -0.79
C GLY E 66 11.11 10.66 -1.96
N ARG E 67 9.94 10.25 -2.44
CA ARG E 67 9.81 9.49 -3.67
C ARG E 67 9.38 10.37 -4.84
N VAL E 68 9.08 11.63 -4.58
CA VAL E 68 8.70 12.60 -5.60
C VAL E 68 9.61 13.80 -5.48
N THR E 69 10.04 14.33 -6.61
CA THR E 69 10.89 15.52 -6.63
C THR E 69 10.34 16.49 -7.67
N MET E 70 10.02 17.71 -7.24
CA MET E 70 9.61 18.77 -8.16
C MET E 70 10.76 19.72 -8.41
N THR E 71 11.00 19.99 -9.70
CA THR E 71 11.96 20.98 -10.15
C THR E 71 11.27 21.83 -11.20
N ARG E 72 11.98 22.85 -11.67
CA ARG E 72 11.45 23.69 -12.75
C ARG E 72 12.58 24.51 -13.32
N ASP E 73 12.35 25.03 -14.52
CA ASP E 73 13.18 26.10 -15.06
C ASP E 73 12.31 27.21 -15.62
N THR E 74 12.77 28.45 -15.42
CA THR E 74 12.02 29.62 -15.89
C THR E 74 12.31 29.93 -17.36
N SER E 75 13.48 29.54 -17.86
CA SER E 75 13.83 29.83 -19.25
C SER E 75 12.88 29.14 -20.21
N ILE E 76 12.86 27.81 -20.18
CA ILE E 76 11.87 27.06 -20.94
C ILE E 76 10.47 27.19 -20.35
N SER E 77 10.38 27.68 -19.11
CA SER E 77 9.10 27.90 -18.42
C SER E 77 8.36 26.58 -18.27
N THR E 78 9.00 25.64 -17.57
CA THR E 78 8.47 24.29 -17.43
C THR E 78 8.71 23.77 -16.03
N ALA E 79 7.74 23.04 -15.50
CA ALA E 79 7.87 22.36 -14.22
C ALA E 79 7.96 20.86 -14.45
N TYR E 80 8.88 20.20 -13.75
CA TYR E 80 9.12 18.77 -13.92
C TYR E 80 8.81 18.05 -12.61
N MET E 81 7.91 17.08 -12.68
CA MET E 81 7.64 16.17 -11.58
C MET E 81 8.33 14.85 -11.88
N GLU E 82 9.28 14.46 -11.03
CA GLU E 82 10.07 13.27 -11.26
C GLU E 82 9.82 12.28 -10.13
N LEU E 83 9.38 11.08 -10.49
CA LEU E 83 9.21 9.99 -9.55
C LEU E 83 10.27 8.94 -9.85
N SER E 84 11.04 8.58 -8.83
CA SER E 84 12.11 7.61 -8.95
C SER E 84 11.77 6.35 -8.16
N ARG E 85 12.41 5.25 -8.55
CA ARG E 85 12.16 3.94 -7.93
C ARG E 85 10.69 3.55 -8.05
N LEU E 86 10.24 3.44 -9.30
CA LEU E 86 8.85 3.10 -9.60
C LEU E 86 8.53 1.68 -9.18
N ARG E 87 7.26 1.44 -8.85
CA ARG E 87 6.73 0.12 -8.60
C ARG E 87 5.39 -0.02 -9.34
N SER E 88 4.76 -1.19 -9.18
CA SER E 88 3.57 -1.50 -9.97
C SER E 88 2.42 -0.53 -9.68
N ASP E 89 2.19 -0.21 -8.41
CA ASP E 89 0.99 0.54 -8.04
C ASP E 89 1.04 2.01 -8.42
N ASP E 90 2.19 2.53 -8.85
CA ASP E 90 2.26 3.92 -9.29
C ASP E 90 1.62 4.17 -10.64
N THR E 91 1.14 3.13 -11.33
CA THR E 91 0.42 3.32 -12.58
C THR E 91 -0.78 4.24 -12.37
N ALA E 92 -0.70 5.44 -12.96
CA ALA E 92 -1.69 6.48 -12.74
C ALA E 92 -1.47 7.56 -13.78
N VAL E 93 -2.43 8.47 -13.85
CA VAL E 93 -2.35 9.64 -14.72
C VAL E 93 -1.87 10.82 -13.88
N PHE E 94 -0.92 11.59 -14.40
CA PHE E 94 -0.32 12.70 -13.65
C PHE E 94 -0.71 14.01 -14.33
N TYR E 95 -1.67 14.70 -13.72
CA TYR E 95 -2.17 15.99 -14.19
C TYR E 95 -1.35 17.12 -13.60
N CYS E 96 -1.30 18.23 -14.34
CA CYS E 96 -0.61 19.45 -13.96
C CYS E 96 -1.64 20.56 -13.80
N ALA E 97 -1.42 21.45 -12.85
CA ALA E 97 -2.41 22.49 -12.58
C ALA E 97 -1.73 23.79 -12.15
N LYS E 98 -2.24 24.91 -12.63
CA LYS E 98 -1.85 26.23 -12.16
C LYS E 98 -2.91 26.73 -11.18
N ILE E 99 -2.46 27.13 -9.99
CA ILE E 99 -3.38 27.57 -8.94
C ILE E 99 -3.64 29.07 -9.09
N TYR E 100 -4.78 29.51 -8.53
CA TYR E 100 -5.27 30.87 -8.74
C TYR E 100 -4.46 31.92 -7.95
N CYS E 101 -3.99 31.56 -6.76
CA CYS E 101 -3.36 32.54 -5.89
C CYS E 101 -1.91 32.80 -6.33
N ARG E 102 -1.32 33.79 -5.68
CA ARG E 102 0.10 34.08 -5.83
C ARG E 102 0.78 33.76 -4.50
N GLY E 103 1.75 32.86 -4.53
CA GLY E 103 2.53 32.54 -3.36
C GLY E 103 2.00 31.36 -2.54
N ASP E 104 2.40 31.36 -1.28
CA ASP E 104 2.08 30.30 -0.31
C ASP E 104 0.60 30.33 0.05
N CYS E 105 -0.17 29.40 -0.50
CA CYS E 105 -1.62 29.45 -0.37
C CYS E 105 -2.20 28.09 -0.72
N TYR E 106 -3.52 27.99 -0.61
CA TYR E 106 -4.29 26.95 -1.29
C TYR E 106 -5.60 27.59 -1.74
N SER E 107 -5.97 27.33 -2.99
CA SER E 107 -7.17 27.90 -3.58
C SER E 107 -7.68 26.90 -4.61
N TYR E 108 -8.60 27.34 -5.45
CA TYR E 108 -9.00 26.51 -6.57
C TYR E 108 -7.92 26.53 -7.64
N PHE E 109 -7.84 25.45 -8.41
CA PHE E 109 -6.86 25.36 -9.49
C PHE E 109 -7.40 26.14 -10.67
N ASP E 110 -6.76 27.27 -10.96
CA ASP E 110 -7.26 28.14 -12.02
C ASP E 110 -7.29 27.41 -13.36
N TYR E 111 -6.22 26.69 -13.69
CA TYR E 111 -6.19 25.95 -14.95
C TYR E 111 -5.53 24.58 -14.77
N TRP E 112 -5.85 23.68 -15.68
CA TRP E 112 -5.33 22.31 -15.71
C TRP E 112 -4.62 22.05 -17.03
N GLY E 113 -3.83 20.96 -17.05
CA GLY E 113 -3.18 20.51 -18.24
C GLY E 113 -3.52 19.06 -18.54
N GLN E 114 -3.15 18.62 -19.75
CA GLN E 114 -3.42 17.25 -20.15
C GLN E 114 -2.68 16.27 -19.26
N GLY E 115 -3.28 15.09 -19.08
CA GLY E 115 -2.73 14.09 -18.19
C GLY E 115 -1.53 13.37 -18.77
N THR E 116 -1.02 12.40 -18.01
CA THR E 116 0.14 11.61 -18.41
C THR E 116 -0.05 10.20 -17.88
N LEU E 117 -0.53 9.31 -18.73
CA LEU E 117 -0.66 7.91 -18.35
C LEU E 117 0.72 7.28 -18.32
N VAL E 118 1.07 6.67 -17.18
CA VAL E 118 2.38 6.05 -16.99
C VAL E 118 2.13 4.60 -16.57
N THR E 119 2.35 3.67 -17.49
CA THR E 119 2.15 2.25 -17.21
C THR E 119 3.42 1.65 -16.63
N VAL E 120 3.29 1.00 -15.48
CA VAL E 120 4.41 0.38 -14.80
C VAL E 120 4.14 -1.11 -14.74
N SER E 121 4.95 -1.90 -15.44
CA SER E 121 4.79 -3.34 -15.47
C SER E 121 6.11 -3.98 -15.87
N SER E 122 6.42 -5.13 -15.27
CA SER E 122 7.66 -5.83 -15.56
C SER E 122 7.64 -6.53 -16.91
N ALA E 123 6.46 -6.73 -17.50
CA ALA E 123 6.38 -7.45 -18.75
C ALA E 123 7.11 -6.68 -19.85
N SER E 124 7.82 -7.42 -20.69
CA SER E 124 8.61 -6.84 -21.77
C SER E 124 7.80 -6.81 -23.05
N THR E 125 8.33 -6.09 -24.04
CA THR E 125 7.64 -5.93 -25.32
C THR E 125 7.43 -7.30 -25.96
N LYS E 126 6.19 -7.55 -26.38
CA LYS E 126 5.77 -8.85 -26.89
C LYS E 126 4.78 -8.65 -28.03
N GLY E 127 5.04 -9.32 -29.14
CA GLY E 127 4.11 -9.31 -30.25
C GLY E 127 2.85 -10.07 -29.89
N PRO E 128 1.72 -9.65 -30.43
CA PRO E 128 0.46 -10.32 -30.12
C PRO E 128 0.21 -11.53 -31.00
N SER E 129 -0.53 -12.48 -30.44
CA SER E 129 -1.03 -13.62 -31.18
C SER E 129 -2.45 -13.28 -31.63
N VAL E 130 -2.69 -13.34 -32.94
CA VAL E 130 -3.96 -12.91 -33.53
C VAL E 130 -4.70 -14.17 -33.99
N PHE E 131 -5.86 -14.42 -33.39
CA PHE E 131 -6.60 -15.64 -33.67
C PHE E 131 -7.99 -15.32 -34.20
N PRO E 132 -8.49 -16.11 -35.15
CA PRO E 132 -9.80 -15.83 -35.73
C PRO E 132 -10.93 -16.13 -34.75
N LEU E 133 -12.02 -15.37 -34.91
CA LEU E 133 -13.30 -15.59 -34.26
C LEU E 133 -14.27 -15.77 -35.42
N ALA E 134 -14.40 -17.02 -35.89
CA ALA E 134 -15.15 -17.32 -37.09
C ALA E 134 -16.65 -17.18 -36.85
N PRO E 135 -17.41 -16.69 -37.84
CA PRO E 135 -18.87 -16.54 -37.73
C PRO E 135 -19.60 -17.88 -37.69
N GLY E 142 -30.54 -15.64 -42.71
CA GLY E 142 -30.91 -14.41 -43.37
C GLY E 142 -30.71 -13.18 -42.49
N GLY E 143 -30.20 -13.41 -41.29
CA GLY E 143 -29.93 -12.34 -40.35
C GLY E 143 -28.51 -11.82 -40.45
N THR E 144 -28.02 -11.25 -39.36
CA THR E 144 -26.67 -10.71 -39.29
C THR E 144 -25.77 -11.69 -38.55
N ALA E 145 -24.54 -11.85 -39.06
CA ALA E 145 -23.54 -12.72 -38.48
C ALA E 145 -22.36 -11.87 -37.98
N ALA E 146 -21.82 -12.24 -36.83
CA ALA E 146 -20.72 -11.51 -36.22
C ALA E 146 -19.44 -12.34 -36.31
N LEU E 147 -18.31 -11.64 -36.41
CA LEU E 147 -17.03 -12.31 -36.47
C LEU E 147 -15.96 -11.33 -36.05
N GLY E 148 -14.83 -11.85 -35.58
CA GLY E 148 -13.85 -10.95 -35.01
C GLY E 148 -12.45 -11.53 -34.95
N CYS E 149 -11.56 -10.77 -34.34
CA CYS E 149 -10.19 -11.20 -34.11
C CYS E 149 -9.83 -11.00 -32.65
N LEU E 150 -9.30 -12.07 -32.04
CA LEU E 150 -8.81 -12.02 -30.68
C LEU E 150 -7.31 -11.77 -30.76
N VAL E 151 -6.88 -10.59 -30.35
CA VAL E 151 -5.46 -10.26 -30.28
C VAL E 151 -5.03 -10.38 -28.83
N LYS E 152 -4.08 -11.27 -28.56
CA LYS E 152 -3.82 -11.71 -27.20
C LYS E 152 -2.34 -11.65 -26.88
N ASP E 153 -2.02 -11.38 -25.62
CA ASP E 153 -0.68 -11.54 -25.08
C ASP E 153 0.32 -10.65 -25.81
N TYR E 154 0.10 -9.33 -25.67
CA TYR E 154 1.00 -8.33 -26.21
C TYR E 154 1.30 -7.31 -25.11
N PHE E 155 2.35 -6.52 -25.34
CA PHE E 155 2.74 -5.50 -24.38
C PHE E 155 3.69 -4.51 -25.05
N PRO E 156 3.52 -3.20 -24.83
CA PRO E 156 2.42 -2.54 -24.10
C PRO E 156 1.35 -2.03 -25.07
N GLU E 157 0.42 -1.20 -24.61
CA GLU E 157 -0.56 -0.61 -25.52
C GLU E 157 0.11 0.41 -26.44
N PRO E 158 -0.48 0.67 -27.61
CA PRO E 158 -1.69 0.05 -28.14
C PRO E 158 -1.45 -0.91 -29.32
N VAL E 159 -2.45 -1.73 -29.63
CA VAL E 159 -2.52 -2.46 -30.88
C VAL E 159 -3.62 -1.82 -31.72
N THR E 160 -3.34 -1.60 -33.00
CA THR E 160 -4.27 -0.93 -33.90
C THR E 160 -4.90 -1.96 -34.83
N VAL E 161 -6.23 -2.02 -34.83
CA VAL E 161 -6.97 -3.00 -35.61
C VAL E 161 -7.85 -2.26 -36.61
N SER E 162 -7.65 -2.54 -37.89
CA SER E 162 -8.55 -2.11 -38.95
C SER E 162 -9.15 -3.34 -39.63
N TRP E 163 -10.16 -3.12 -40.46
CA TRP E 163 -10.80 -4.21 -41.21
C TRP E 163 -10.73 -3.92 -42.70
N ASN E 164 -10.18 -4.87 -43.45
CA ASN E 164 -10.09 -4.79 -44.91
C ASN E 164 -9.36 -3.53 -45.37
N SER E 165 -8.21 -3.27 -44.73
CA SER E 165 -7.39 -2.10 -45.03
C SER E 165 -8.18 -0.80 -44.88
N GLY E 166 -9.00 -0.74 -43.83
CA GLY E 166 -9.83 0.43 -43.57
C GLY E 166 -11.11 0.51 -44.37
N ALA E 167 -11.50 -0.56 -45.07
CA ALA E 167 -12.70 -0.56 -45.88
C ALA E 167 -13.96 -0.86 -45.08
N LEU E 168 -13.83 -1.31 -43.83
CA LEU E 168 -14.97 -1.66 -42.99
C LEU E 168 -14.94 -0.79 -41.74
N THR E 169 -15.78 0.24 -41.72
CA THR E 169 -15.91 1.11 -40.56
C THR E 169 -17.28 1.04 -39.91
N SER E 170 -18.30 0.56 -40.63
CA SER E 170 -19.63 0.41 -40.05
C SER E 170 -19.72 -0.89 -39.27
N GLY E 171 -20.14 -0.78 -38.00
CA GLY E 171 -20.36 -1.95 -37.19
C GLY E 171 -19.12 -2.61 -36.62
N VAL E 172 -17.98 -1.93 -36.66
CA VAL E 172 -16.74 -2.46 -36.08
C VAL E 172 -16.64 -1.96 -34.64
N HIS E 173 -16.30 -2.87 -33.72
CA HIS E 173 -16.13 -2.54 -32.31
C HIS E 173 -14.79 -3.11 -31.86
N THR E 174 -13.82 -2.23 -31.67
CA THR E 174 -12.51 -2.59 -31.13
C THR E 174 -12.54 -2.25 -29.63
N PHE E 175 -12.67 -3.28 -28.80
CA PHE E 175 -12.84 -3.07 -27.38
C PHE E 175 -11.55 -2.57 -26.73
N PRO E 176 -11.65 -1.82 -25.64
CA PRO E 176 -10.44 -1.43 -24.92
C PRO E 176 -9.72 -2.65 -24.37
N ALA E 177 -8.39 -2.54 -24.31
CA ALA E 177 -7.57 -3.66 -23.86
C ALA E 177 -7.85 -3.98 -22.39
N VAL E 178 -7.71 -5.25 -22.06
CA VAL E 178 -7.87 -5.72 -20.69
C VAL E 178 -6.55 -6.35 -20.26
N LEU E 179 -6.22 -6.22 -18.98
CA LEU E 179 -4.96 -6.70 -18.45
C LEU E 179 -5.16 -8.09 -17.86
N GLN E 180 -4.41 -9.06 -18.39
CA GLN E 180 -4.49 -10.45 -17.95
C GLN E 180 -3.57 -10.68 -16.75
N SER E 181 -3.76 -11.84 -16.11
CA SER E 181 -2.96 -12.16 -14.92
C SER E 181 -1.48 -12.26 -15.24
N SER E 182 -1.13 -12.67 -16.47
CA SER E 182 0.27 -12.78 -16.87
C SER E 182 0.93 -11.43 -17.09
N GLY E 183 0.18 -10.34 -17.03
CA GLY E 183 0.70 -9.02 -17.32
C GLY E 183 0.65 -8.62 -18.78
N LEU E 184 0.21 -9.51 -19.67
CA LEU E 184 0.08 -9.23 -21.09
C LEU E 184 -1.35 -8.83 -21.40
N TYR E 185 -1.49 -7.85 -22.29
CA TYR E 185 -2.79 -7.29 -22.62
C TYR E 185 -3.55 -8.18 -23.61
N SER E 186 -4.87 -8.09 -23.54
CA SER E 186 -5.75 -8.84 -24.42
C SER E 186 -6.84 -7.92 -24.96
N LEU E 187 -7.31 -8.23 -26.15
CA LEU E 187 -8.25 -7.37 -26.85
C LEU E 187 -9.01 -8.20 -27.88
N SER E 188 -10.25 -7.82 -28.12
CA SER E 188 -11.07 -8.45 -29.14
C SER E 188 -11.67 -7.36 -30.02
N SER E 189 -11.49 -7.47 -31.33
CA SER E 189 -12.06 -6.52 -32.27
C SER E 189 -13.04 -7.27 -33.16
N VAL E 190 -14.31 -6.94 -33.06
CA VAL E 190 -15.37 -7.68 -33.72
C VAL E 190 -16.10 -6.77 -34.70
N VAL E 191 -16.89 -7.40 -35.56
CA VAL E 191 -17.67 -6.68 -36.57
C VAL E 191 -18.85 -7.55 -36.96
N THR E 192 -20.00 -6.92 -37.20
CA THR E 192 -21.21 -7.59 -37.64
C THR E 192 -21.45 -7.26 -39.11
N VAL E 193 -21.79 -8.29 -39.88
CA VAL E 193 -22.02 -8.16 -41.32
C VAL E 193 -23.21 -9.01 -41.70
N PRO E 194 -23.85 -8.71 -42.83
CA PRO E 194 -24.93 -9.59 -43.30
C PRO E 194 -24.41 -10.99 -43.55
N SER E 195 -25.26 -11.98 -43.29
CA SER E 195 -24.87 -13.37 -43.52
C SER E 195 -24.62 -13.64 -45.00
N SER E 196 -25.36 -12.95 -45.88
CA SER E 196 -25.15 -13.11 -47.31
C SER E 196 -23.71 -12.86 -47.70
N SER E 197 -23.04 -11.94 -47.00
CA SER E 197 -21.67 -11.58 -47.33
C SER E 197 -20.63 -12.56 -46.82
N LEU E 198 -21.01 -13.59 -46.05
CA LEU E 198 -20.00 -14.51 -45.55
C LEU E 198 -19.30 -15.25 -46.69
N GLY E 199 -20.05 -15.63 -47.73
CA GLY E 199 -19.48 -16.43 -48.80
C GLY E 199 -18.60 -15.68 -49.79
N THR E 200 -18.98 -14.46 -50.15
CA THR E 200 -18.33 -13.73 -51.23
C THR E 200 -17.30 -12.70 -50.75
N GLN E 201 -17.06 -12.59 -49.45
CA GLN E 201 -16.22 -11.53 -48.90
C GLN E 201 -15.09 -12.12 -48.07
N THR E 202 -13.87 -11.62 -48.27
CA THR E 202 -12.79 -11.89 -47.32
C THR E 202 -12.84 -10.84 -46.23
N TYR E 203 -12.74 -11.27 -44.99
CA TYR E 203 -12.73 -10.37 -43.85
C TYR E 203 -11.38 -10.50 -43.16
N ILE E 204 -10.59 -9.44 -43.22
CA ILE E 204 -9.23 -9.41 -42.69
C ILE E 204 -9.19 -8.40 -41.56
N CYS E 205 -8.61 -8.80 -40.44
CA CYS E 205 -8.27 -7.87 -39.37
C CYS E 205 -6.80 -7.53 -39.52
N ASN E 206 -6.52 -6.24 -39.65
CA ASN E 206 -5.17 -5.70 -39.79
C ASN E 206 -4.77 -5.20 -38.41
N VAL E 207 -3.94 -5.97 -37.72
CA VAL E 207 -3.46 -5.62 -36.38
C VAL E 207 -2.00 -5.23 -36.47
N ASN E 208 -1.68 -4.05 -35.95
CA ASN E 208 -0.33 -3.50 -35.95
C ASN E 208 0.07 -3.20 -34.52
N HIS E 209 1.19 -3.76 -34.09
CA HIS E 209 1.79 -3.50 -32.79
C HIS E 209 3.18 -2.95 -33.08
N LYS E 210 3.29 -1.61 -33.09
CA LYS E 210 4.54 -0.97 -33.52
C LYS E 210 5.72 -1.26 -32.60
N PRO E 211 5.61 -1.14 -31.26
CA PRO E 211 6.80 -1.38 -30.42
C PRO E 211 7.39 -2.76 -30.57
N SER E 212 6.58 -3.76 -30.90
CA SER E 212 7.07 -5.10 -31.20
C SER E 212 7.23 -5.33 -32.68
N ASN E 213 6.90 -4.34 -33.51
CA ASN E 213 7.00 -4.43 -34.97
C ASN E 213 6.31 -5.67 -35.52
N THR E 214 5.07 -5.88 -35.10
CA THR E 214 4.28 -7.00 -35.60
C THR E 214 3.12 -6.48 -36.42
N LYS E 215 3.05 -6.91 -37.67
CA LYS E 215 1.94 -6.60 -38.57
C LYS E 215 1.31 -7.93 -38.97
N VAL E 216 0.05 -8.14 -38.59
CA VAL E 216 -0.68 -9.35 -38.93
C VAL E 216 -1.95 -8.97 -39.66
N ASP E 217 -2.17 -9.58 -40.82
CA ASP E 217 -3.42 -9.46 -41.57
C ASP E 217 -4.05 -10.83 -41.53
N LYS E 218 -5.02 -11.02 -40.64
CA LYS E 218 -5.59 -12.34 -40.37
C LYS E 218 -6.96 -12.47 -41.00
N LYS E 219 -7.18 -13.60 -41.68
CA LYS E 219 -8.46 -13.89 -42.34
C LYS E 219 -9.33 -14.70 -41.39
N VAL E 220 -10.53 -14.19 -41.13
CA VAL E 220 -11.53 -14.90 -40.34
C VAL E 220 -12.45 -15.60 -41.33
N GLU E 221 -12.08 -16.83 -41.69
CA GLU E 221 -12.80 -17.62 -42.66
C GLU E 221 -14.02 -18.29 -42.06
N PRO E 222 -15.07 -18.52 -42.86
CA PRO E 222 -16.25 -19.22 -42.36
C PRO E 222 -15.91 -20.63 -41.90
N LYS E 223 -16.64 -21.09 -40.88
CA LYS E 223 -16.43 -22.42 -40.31
C LYS E 223 -16.54 -23.51 -41.37
N GLU F 1 -8.54 15.83 7.40
CA GLU F 1 -8.45 15.31 6.04
C GLU F 1 -9.80 14.80 5.55
N ILE F 2 -10.47 15.64 4.75
CA ILE F 2 -11.80 15.30 4.24
C ILE F 2 -11.70 14.19 3.21
N VAL F 3 -12.69 13.31 3.20
CA VAL F 3 -12.93 12.41 2.08
C VAL F 3 -14.13 12.98 1.34
N LEU F 4 -14.00 13.11 0.02
CA LEU F 4 -15.03 13.75 -0.80
C LEU F 4 -15.73 12.64 -1.57
N THR F 5 -16.90 12.24 -1.07
CA THR F 5 -17.66 11.15 -1.68
C THR F 5 -18.76 11.74 -2.54
N GLN F 6 -18.80 11.37 -3.81
CA GLN F 6 -19.83 11.82 -4.73
C GLN F 6 -20.89 10.72 -4.81
N SER F 7 -22.07 11.01 -4.25
CA SER F 7 -23.08 9.96 -4.06
C SER F 7 -23.56 9.35 -5.37
N PRO F 8 -23.93 10.10 -6.40
CA PRO F 8 -24.34 9.45 -7.66
C PRO F 8 -23.15 8.71 -8.28
N GLY F 9 -23.39 7.46 -8.66
CA GLY F 9 -22.37 6.66 -9.28
C GLY F 9 -22.24 6.89 -10.77
N THR F 10 -23.35 6.70 -11.49
CA THR F 10 -23.39 6.87 -12.94
C THR F 10 -24.63 7.69 -13.29
N LEU F 11 -24.42 8.93 -13.74
CA LEU F 11 -25.53 9.76 -14.17
C LEU F 11 -26.00 9.30 -15.54
N SER F 12 -27.18 8.69 -15.58
CA SER F 12 -27.74 8.12 -16.80
C SER F 12 -29.01 8.92 -17.06
N LEU F 13 -28.88 9.99 -17.85
CA LEU F 13 -29.97 10.92 -18.08
C LEU F 13 -30.13 11.20 -19.56
N SER F 14 -31.36 11.49 -19.97
CA SER F 14 -31.62 11.83 -21.35
C SER F 14 -31.01 13.19 -21.67
N PRO F 15 -30.77 13.48 -22.95
CA PRO F 15 -30.33 14.83 -23.31
C PRO F 15 -31.37 15.85 -22.89
N GLY F 16 -30.90 16.98 -22.38
CA GLY F 16 -31.81 18.01 -21.90
C GLY F 16 -32.31 17.80 -20.50
N GLU F 17 -32.15 16.61 -19.93
CA GLU F 17 -32.64 16.34 -18.59
C GLU F 17 -31.74 16.99 -17.54
N ARG F 18 -32.30 17.18 -16.35
CA ARG F 18 -31.64 17.89 -15.28
C ARG F 18 -30.68 16.95 -14.58
N ALA F 19 -29.40 17.29 -14.61
CA ALA F 19 -28.36 16.52 -13.94
C ALA F 19 -28.12 17.12 -12.56
N THR F 20 -28.29 16.30 -11.52
CA THR F 20 -28.10 16.70 -10.13
C THR F 20 -26.95 15.87 -9.57
N LEU F 21 -25.89 16.54 -9.14
CA LEU F 21 -24.65 15.88 -8.72
C LEU F 21 -24.44 16.18 -7.24
N SER F 22 -24.29 15.12 -6.44
CA SER F 22 -24.14 15.24 -5.00
C SER F 22 -22.69 15.02 -4.62
N CYS F 23 -22.17 15.89 -3.75
CA CYS F 23 -20.80 15.81 -3.24
C CYS F 23 -20.84 16.05 -1.74
N ARG F 24 -20.45 15.04 -0.97
CA ARG F 24 -20.47 15.09 0.48
C ARG F 24 -19.04 15.06 1.02
N ALA F 25 -18.78 15.92 2.00
CA ALA F 25 -17.49 16.03 2.64
C ALA F 25 -17.55 15.39 4.03
N SER F 26 -16.42 14.80 4.45
CA SER F 26 -16.37 14.15 5.76
C SER F 26 -16.60 15.17 6.87
N GLN F 27 -15.91 16.30 6.81
CA GLN F 27 -16.12 17.40 7.73
C GLN F 27 -16.68 18.61 6.96
N THR F 28 -16.94 19.68 7.69
CA THR F 28 -17.44 20.90 7.07
C THR F 28 -16.32 21.57 6.29
N VAL F 29 -16.60 21.97 5.06
CA VAL F 29 -15.63 22.68 4.24
C VAL F 29 -15.63 24.14 4.67
N SER F 30 -14.51 24.60 5.20
CA SER F 30 -14.44 25.95 5.76
C SER F 30 -14.63 27.01 4.69
N SER F 31 -15.45 28.01 5.01
CA SER F 31 -15.75 29.13 4.14
C SER F 31 -16.35 28.70 2.80
N ASN F 32 -16.89 27.48 2.75
CA ASN F 32 -17.51 26.93 1.55
C ASN F 32 -16.58 26.99 0.35
N PHE F 33 -15.33 26.53 0.54
CA PHE F 33 -14.35 26.53 -0.55
C PHE F 33 -14.50 25.23 -1.35
N LEU F 34 -15.44 25.24 -2.30
CA LEU F 34 -15.76 24.07 -3.11
C LEU F 34 -15.73 24.44 -4.59
N ALA F 35 -15.20 23.53 -5.42
CA ALA F 35 -15.08 23.72 -6.86
C ALA F 35 -15.56 22.48 -7.61
N TRP F 36 -16.04 22.71 -8.82
CA TRP F 36 -16.54 21.66 -9.72
C TRP F 36 -15.82 21.76 -11.06
N TYR F 37 -15.31 20.62 -11.53
CA TYR F 37 -14.53 20.49 -12.76
C TYR F 37 -15.14 19.40 -13.63
N GLN F 38 -15.08 19.60 -14.96
CA GLN F 38 -15.54 18.61 -15.92
C GLN F 38 -14.34 18.18 -16.77
N ARG F 39 -14.02 16.90 -16.74
CA ARG F 39 -12.89 16.36 -17.50
C ARG F 39 -13.41 15.44 -18.61
N LYS F 40 -13.28 15.90 -19.85
CA LYS F 40 -13.60 15.18 -21.07
C LYS F 40 -12.48 14.18 -21.39
N PRO F 41 -12.80 13.06 -22.04
CA PRO F 41 -11.81 11.98 -22.19
C PRO F 41 -10.59 12.42 -22.97
N GLY F 42 -9.43 12.33 -22.33
CA GLY F 42 -8.18 12.70 -22.94
C GLY F 42 -7.87 14.18 -22.93
N GLN F 43 -8.67 14.99 -22.25
CA GLN F 43 -8.42 16.42 -22.15
C GLN F 43 -8.19 16.80 -20.70
N ALA F 44 -7.83 18.06 -20.49
CA ALA F 44 -7.62 18.55 -19.14
C ALA F 44 -8.94 18.94 -18.50
N PRO F 45 -9.06 18.79 -17.17
CA PRO F 45 -10.26 19.27 -16.50
C PRO F 45 -10.42 20.78 -16.69
N ARG F 46 -11.64 21.20 -16.96
CA ARG F 46 -11.97 22.61 -17.15
C ARG F 46 -12.65 23.13 -15.90
N LEU F 47 -12.42 24.41 -15.61
CA LEU F 47 -13.09 25.06 -14.48
C LEU F 47 -14.54 25.39 -14.85
N LEU F 48 -15.47 24.89 -14.05
CA LEU F 48 -16.89 25.22 -14.17
C LEU F 48 -17.42 25.97 -12.97
N ILE F 49 -17.20 25.48 -11.75
CA ILE F 49 -17.77 26.11 -10.57
C ILE F 49 -16.66 26.30 -9.54
N TYR F 50 -16.65 27.46 -8.89
CA TYR F 50 -15.78 27.66 -7.73
C TYR F 50 -16.57 28.39 -6.64
N GLY F 51 -16.07 28.29 -5.42
CA GLY F 51 -16.77 28.88 -4.30
C GLY F 51 -18.12 28.29 -4.03
N ALA F 52 -18.40 27.17 -4.70
CA ALA F 52 -19.65 26.42 -4.65
C ALA F 52 -20.82 27.21 -5.23
N SER F 53 -20.63 28.46 -5.65
CA SER F 53 -21.71 29.22 -6.27
C SER F 53 -21.31 30.07 -7.46
N SER F 54 -20.02 30.31 -7.71
CA SER F 54 -19.56 31.23 -8.74
C SER F 54 -19.00 30.46 -9.93
N ARG F 55 -19.48 30.81 -11.12
CA ARG F 55 -19.11 30.16 -12.37
C ARG F 55 -17.84 30.78 -12.95
N ALA F 56 -17.03 29.94 -13.60
CA ALA F 56 -15.83 30.41 -14.26
C ALA F 56 -16.20 31.24 -15.49
N THR F 57 -15.24 32.07 -15.92
CA THR F 57 -15.47 32.96 -17.05
C THR F 57 -15.62 32.18 -18.34
N GLY F 58 -16.68 32.47 -19.09
CA GLY F 58 -16.92 31.81 -20.35
C GLY F 58 -17.65 30.48 -20.26
N ILE F 59 -18.07 30.08 -19.06
CA ILE F 59 -18.72 28.78 -18.86
C ILE F 59 -20.21 28.94 -19.12
N PRO F 60 -20.86 27.99 -19.81
CA PRO F 60 -22.28 28.16 -20.14
C PRO F 60 -23.16 28.33 -18.91
N ASP F 61 -24.21 29.13 -19.08
CA ASP F 61 -25.11 29.50 -17.97
C ASP F 61 -25.81 28.28 -17.38
N ARG F 62 -26.04 27.24 -18.19
CA ARG F 62 -26.79 26.06 -17.73
C ARG F 62 -26.08 25.32 -16.60
N PHE F 63 -24.78 25.51 -16.44
CA PHE F 63 -24.06 24.93 -15.31
C PHE F 63 -24.19 25.85 -14.10
N SER F 64 -24.60 25.29 -12.97
CA SER F 64 -24.72 26.03 -11.72
C SER F 64 -24.25 25.14 -10.58
N GLY F 65 -23.83 25.76 -9.49
CA GLY F 65 -23.42 25.02 -8.32
C GLY F 65 -23.96 25.68 -7.08
N SER F 66 -24.23 24.87 -6.05
CA SER F 66 -24.77 25.38 -4.80
C SER F 66 -24.46 24.38 -3.68
N GLY F 67 -24.91 24.71 -2.48
CA GLY F 67 -24.74 23.86 -1.32
C GLY F 67 -23.90 24.53 -0.25
N SER F 68 -23.79 23.84 0.88
CA SER F 68 -23.05 24.35 2.03
C SER F 68 -22.71 23.19 2.95
N GLY F 69 -21.86 23.47 3.93
CA GLY F 69 -21.53 22.52 4.97
C GLY F 69 -20.91 21.24 4.43
N THR F 70 -21.67 20.15 4.51
CA THR F 70 -21.22 18.85 4.02
C THR F 70 -22.02 18.36 2.83
N ASP F 71 -22.88 19.21 2.25
CA ASP F 71 -23.70 18.82 1.11
C ASP F 71 -23.55 19.87 0.02
N PHE F 72 -23.02 19.46 -1.12
CA PHE F 72 -22.89 20.35 -2.27
C PHE F 72 -23.50 19.68 -3.49
N THR F 73 -24.08 20.49 -4.36
CA THR F 73 -24.74 19.99 -5.55
C THR F 73 -24.32 20.80 -6.77
N LEU F 74 -24.04 20.07 -7.85
CA LEU F 74 -23.77 20.64 -9.16
C LEU F 74 -24.96 20.34 -10.05
N THR F 75 -25.50 21.36 -10.69
CA THR F 75 -26.72 21.23 -11.47
C THR F 75 -26.43 21.59 -12.92
N ILE F 76 -26.82 20.70 -13.83
CA ILE F 76 -26.80 20.97 -15.25
C ILE F 76 -28.26 20.92 -15.67
N SER F 77 -28.85 22.09 -15.95
CA SER F 77 -30.29 22.12 -16.24
C SER F 77 -30.62 21.25 -17.44
N ARG F 78 -30.10 21.61 -18.58
CA ARG F 78 -30.36 20.85 -19.79
C ARG F 78 -29.08 20.20 -20.27
N LEU F 79 -29.04 18.88 -20.13
CA LEU F 79 -27.85 18.10 -20.41
C LEU F 79 -27.57 18.07 -21.91
N GLU F 80 -26.72 18.98 -22.37
CA GLU F 80 -26.32 19.04 -23.75
C GLU F 80 -25.39 17.87 -24.09
N PRO F 81 -25.31 17.48 -25.38
CA PRO F 81 -24.50 16.30 -25.75
C PRO F 81 -23.02 16.40 -25.41
N GLU F 82 -22.42 17.58 -25.44
CA GLU F 82 -21.02 17.75 -25.04
C GLU F 82 -20.84 17.65 -23.54
N ASP F 83 -21.90 17.79 -22.76
CA ASP F 83 -21.86 17.76 -21.31
C ASP F 83 -21.77 16.34 -20.75
N PHE F 84 -21.51 15.34 -21.59
CA PHE F 84 -21.42 13.95 -21.13
C PHE F 84 -19.95 13.62 -20.88
N ALA F 85 -19.53 13.78 -19.63
CA ALA F 85 -18.15 13.54 -19.22
C ALA F 85 -18.13 13.25 -17.72
N VAL F 86 -16.94 13.29 -17.13
CA VAL F 86 -16.75 13.04 -15.70
C VAL F 86 -16.65 14.37 -14.98
N TYR F 87 -17.21 14.43 -13.76
CA TYR F 87 -17.24 15.65 -12.97
C TYR F 87 -16.64 15.39 -11.60
N TYR F 88 -15.74 16.28 -11.17
CA TYR F 88 -15.09 16.18 -9.87
C TYR F 88 -15.41 17.41 -9.02
N CYS F 89 -15.51 17.19 -7.71
CA CYS F 89 -15.63 18.27 -6.74
C CYS F 89 -14.36 18.30 -5.89
N LEU F 90 -13.82 19.51 -5.69
CA LEU F 90 -12.58 19.72 -4.97
C LEU F 90 -12.80 20.71 -3.84
N GLN F 91 -12.21 20.42 -2.69
CA GLN F 91 -12.26 21.31 -1.54
C GLN F 91 -10.88 21.95 -1.35
N TYR F 92 -10.88 23.23 -0.98
CA TYR F 92 -9.63 23.92 -0.68
C TYR F 92 -9.76 24.81 0.56
N GLY F 93 -10.76 24.58 1.40
CA GLY F 93 -10.88 25.31 2.64
C GLY F 93 -10.02 24.68 3.71
N ASN F 94 -10.12 23.36 3.84
CA ASN F 94 -9.30 22.61 4.79
C ASN F 94 -8.12 21.97 4.05
N SER F 95 -7.16 22.84 3.68
CA SER F 95 -5.97 22.46 2.96
C SER F 95 -4.71 22.83 3.74
N PRO F 96 -3.59 22.13 3.53
CA PRO F 96 -3.41 20.94 2.70
C PRO F 96 -3.82 19.67 3.44
N PRO F 97 -4.04 18.55 2.74
CA PRO F 97 -4.00 18.38 1.28
C PRO F 97 -5.34 18.72 0.65
N PRO F 98 -5.35 19.41 -0.49
CA PRO F 98 -6.61 19.64 -1.19
C PRO F 98 -7.13 18.34 -1.77
N THR F 99 -8.19 17.78 -1.18
CA THR F 99 -8.68 16.48 -1.59
C THR F 99 -9.78 16.62 -2.63
N PHE F 100 -9.87 15.62 -3.51
CA PHE F 100 -10.83 15.59 -4.59
C PHE F 100 -11.87 14.51 -4.35
N GLY F 101 -12.99 14.62 -5.06
CA GLY F 101 -13.97 13.56 -5.09
C GLY F 101 -13.56 12.45 -6.03
N GLN F 102 -14.33 11.35 -5.99
CA GLN F 102 -14.04 10.22 -6.86
C GLN F 102 -14.64 10.38 -8.25
N GLY F 103 -15.47 11.39 -8.48
CA GLY F 103 -16.00 11.65 -9.80
C GLY F 103 -17.20 10.81 -10.17
N THR F 104 -18.06 11.36 -11.03
CA THR F 104 -19.21 10.66 -11.56
C THR F 104 -19.18 10.74 -13.08
N LYS F 105 -19.49 9.61 -13.73
CA LYS F 105 -19.56 9.56 -15.18
C LYS F 105 -20.97 9.85 -15.66
N VAL F 106 -21.09 10.76 -16.62
CA VAL F 106 -22.39 11.15 -17.17
C VAL F 106 -22.54 10.46 -18.52
N GLU F 107 -23.41 9.46 -18.58
CA GLU F 107 -23.74 8.77 -19.82
C GLU F 107 -25.06 9.29 -20.37
N ILE F 108 -25.40 8.84 -21.58
CA ILE F 108 -26.57 9.33 -22.30
C ILE F 108 -27.66 8.28 -22.26
N LYS F 109 -28.91 8.72 -22.08
CA LYS F 109 -30.06 7.84 -21.94
C LYS F 109 -30.81 7.77 -23.26
N ARG F 110 -30.96 6.57 -23.80
CA ARG F 110 -31.79 6.32 -24.97
C ARG F 110 -32.72 5.17 -24.66
N THR F 111 -33.50 4.74 -25.66
CA THR F 111 -34.45 3.67 -25.43
C THR F 111 -33.72 2.34 -25.19
N VAL F 112 -34.44 1.40 -24.57
CA VAL F 112 -33.86 0.11 -24.24
C VAL F 112 -33.54 -0.66 -25.52
N ALA F 113 -32.33 -1.21 -25.58
CA ALA F 113 -31.88 -1.99 -26.73
C ALA F 113 -31.38 -3.34 -26.25
N ALA F 114 -31.88 -4.42 -26.87
CA ALA F 114 -31.44 -5.75 -26.52
C ALA F 114 -30.05 -6.02 -27.10
N PRO F 115 -29.22 -6.78 -26.39
CA PRO F 115 -27.89 -7.11 -26.92
C PRO F 115 -27.96 -8.25 -27.93
N SER F 116 -27.31 -8.06 -29.07
CA SER F 116 -27.14 -9.16 -30.03
C SER F 116 -26.04 -10.07 -29.50
N VAL F 117 -26.38 -11.31 -29.21
CA VAL F 117 -25.49 -12.22 -28.50
C VAL F 117 -24.92 -13.23 -29.50
N PHE F 118 -23.58 -13.29 -29.56
CA PHE F 118 -22.86 -14.23 -30.41
C PHE F 118 -21.81 -14.93 -29.57
N ILE F 119 -21.44 -16.15 -29.99
CA ILE F 119 -20.50 -16.97 -29.25
C ILE F 119 -19.46 -17.53 -30.23
N PHE F 120 -18.20 -17.42 -29.85
CA PHE F 120 -17.08 -17.80 -30.72
C PHE F 120 -16.22 -18.84 -30.03
N PRO F 121 -16.15 -20.06 -30.56
CA PRO F 121 -15.25 -21.08 -30.03
C PRO F 121 -13.80 -20.72 -30.29
N PRO F 122 -12.87 -21.27 -29.51
CA PRO F 122 -11.45 -21.04 -29.79
C PRO F 122 -11.05 -21.65 -31.14
N SER F 123 -10.12 -20.98 -31.81
CA SER F 123 -9.69 -21.39 -33.13
C SER F 123 -8.80 -22.63 -33.07
N ASP F 124 -8.77 -23.38 -34.18
CA ASP F 124 -7.90 -24.54 -34.27
C ASP F 124 -6.43 -24.14 -34.13
N GLU F 125 -6.10 -22.93 -34.58
CA GLU F 125 -4.76 -22.39 -34.39
C GLU F 125 -4.45 -22.16 -32.91
N GLN F 126 -5.46 -21.82 -32.12
CA GLN F 126 -5.29 -21.52 -30.71
C GLN F 126 -5.06 -22.77 -29.86
N LEU F 127 -5.67 -23.88 -30.20
CA LEU F 127 -5.55 -25.12 -29.45
C LEU F 127 -4.16 -25.74 -29.56
N LYS F 128 -3.14 -25.09 -30.12
CA LYS F 128 -1.77 -25.56 -30.00
C LYS F 128 -0.99 -24.82 -28.92
N SER F 129 -1.38 -23.58 -28.59
CA SER F 129 -0.56 -22.67 -27.79
C SER F 129 -0.62 -22.93 -26.28
N GLY F 130 -1.46 -23.85 -25.82
CA GLY F 130 -1.61 -24.13 -24.41
C GLY F 130 -2.76 -23.43 -23.73
N THR F 131 -3.61 -22.73 -24.47
CA THR F 131 -4.76 -22.06 -23.90
C THR F 131 -5.89 -22.08 -24.93
N ALA F 132 -7.13 -22.17 -24.44
CA ALA F 132 -8.32 -22.05 -25.25
C ALA F 132 -9.16 -20.92 -24.67
N SER F 133 -9.52 -19.96 -25.52
CA SER F 133 -10.30 -18.81 -25.08
C SER F 133 -11.58 -18.73 -25.90
N VAL F 134 -12.71 -18.87 -25.22
CA VAL F 134 -14.04 -18.76 -25.82
C VAL F 134 -14.55 -17.35 -25.59
N VAL F 135 -15.10 -16.75 -26.64
CA VAL F 135 -15.50 -15.33 -26.61
C VAL F 135 -17.02 -15.24 -26.69
N CYS F 136 -17.59 -14.36 -25.88
CA CYS F 136 -19.02 -14.06 -25.95
C CYS F 136 -19.19 -12.57 -26.22
N LEU F 137 -19.92 -12.25 -27.28
CA LEU F 137 -20.08 -10.88 -27.75
C LEU F 137 -21.53 -10.42 -27.56
N LEU F 138 -21.70 -9.27 -26.92
CA LEU F 138 -22.98 -8.58 -26.82
C LEU F 138 -22.84 -7.28 -27.60
N ASN F 139 -23.71 -7.09 -28.59
CA ASN F 139 -23.57 -5.98 -29.52
C ASN F 139 -24.76 -5.05 -29.40
N ASN F 140 -24.48 -3.73 -29.26
CA ASN F 140 -25.46 -2.66 -29.43
C ASN F 140 -26.64 -2.83 -28.47
N PHE F 141 -26.33 -2.72 -27.19
CA PHE F 141 -27.32 -2.83 -26.13
C PHE F 141 -27.33 -1.57 -25.27
N TYR F 142 -28.40 -1.45 -24.50
CA TYR F 142 -28.62 -0.39 -23.51
C TYR F 142 -29.66 -0.84 -22.51
N PRO F 143 -29.44 -0.66 -21.20
CA PRO F 143 -28.31 0.01 -20.52
C PRO F 143 -27.05 -0.86 -20.42
N ARG F 144 -26.02 -0.40 -19.70
CA ARG F 144 -24.81 -1.19 -19.55
C ARG F 144 -25.03 -2.39 -18.65
N GLU F 145 -25.96 -2.29 -17.70
CA GLU F 145 -26.19 -3.37 -16.74
C GLU F 145 -26.60 -4.65 -17.46
N ALA F 146 -25.73 -5.66 -17.41
CA ALA F 146 -25.97 -6.92 -18.10
C ALA F 146 -25.16 -8.01 -17.43
N LYS F 147 -25.79 -9.15 -17.15
CA LYS F 147 -25.12 -10.27 -16.52
C LYS F 147 -24.74 -11.30 -17.59
N VAL F 148 -23.45 -11.61 -17.66
CA VAL F 148 -22.95 -12.63 -18.57
C VAL F 148 -22.32 -13.73 -17.73
N GLN F 149 -22.88 -14.94 -17.81
CA GLN F 149 -22.37 -16.06 -17.03
C GLN F 149 -22.03 -17.23 -17.96
N TRP F 150 -20.94 -17.92 -17.64
CA TRP F 150 -20.46 -19.04 -18.44
C TRP F 150 -20.80 -20.36 -17.77
N LYS F 151 -21.30 -21.31 -18.57
CA LYS F 151 -21.61 -22.65 -18.11
C LYS F 151 -20.87 -23.67 -18.94
N VAL F 152 -20.12 -24.54 -18.27
CA VAL F 152 -19.40 -25.66 -18.88
C VAL F 152 -19.99 -26.95 -18.33
N ASP F 153 -20.69 -27.70 -19.18
CA ASP F 153 -21.40 -28.92 -18.77
C ASP F 153 -22.31 -28.63 -17.57
N ASN F 154 -23.06 -27.53 -17.67
CA ASN F 154 -24.02 -27.10 -16.66
C ASN F 154 -23.34 -26.69 -15.36
N ALA F 155 -22.03 -26.48 -15.38
CA ALA F 155 -21.30 -26.02 -14.21
C ALA F 155 -20.97 -24.54 -14.38
N LEU F 156 -21.33 -23.73 -13.38
CA LEU F 156 -21.09 -22.30 -13.45
C LEU F 156 -19.61 -22.01 -13.26
N GLN F 157 -19.05 -21.17 -14.14
CA GLN F 157 -17.65 -20.80 -14.06
C GLN F 157 -17.50 -19.46 -13.34
N SER F 158 -16.60 -19.41 -12.36
CA SER F 158 -16.39 -18.24 -11.53
C SER F 158 -14.91 -17.93 -11.47
N GLY F 159 -14.56 -16.66 -11.68
CA GLY F 159 -13.17 -16.25 -11.59
C GLY F 159 -12.32 -16.69 -12.76
N ASN F 160 -12.92 -16.99 -13.92
CA ASN F 160 -12.19 -17.45 -15.09
C ASN F 160 -12.48 -16.58 -16.31
N SER F 161 -13.19 -15.47 -16.13
CA SER F 161 -13.64 -14.67 -17.27
C SER F 161 -13.22 -13.22 -17.08
N GLN F 162 -12.92 -12.58 -18.19
CA GLN F 162 -12.58 -11.16 -18.20
C GLN F 162 -13.51 -10.45 -19.17
N GLU F 163 -14.04 -9.31 -18.73
CA GLU F 163 -15.06 -8.59 -19.46
C GLU F 163 -14.53 -7.24 -19.89
N SER F 164 -14.91 -6.83 -21.10
CA SER F 164 -14.53 -5.52 -21.63
C SER F 164 -15.74 -4.83 -22.23
N VAL F 165 -15.88 -3.54 -21.97
CA VAL F 165 -17.01 -2.75 -22.43
C VAL F 165 -16.48 -1.51 -23.16
N THR F 166 -17.12 -1.17 -24.28
CA THR F 166 -16.78 0.05 -24.98
C THR F 166 -17.51 1.25 -24.37
N GLU F 167 -17.10 2.45 -24.80
CA GLU F 167 -17.82 3.66 -24.45
C GLU F 167 -19.04 3.83 -25.35
N GLN F 168 -19.78 4.92 -25.12
CA GLN F 168 -20.95 5.22 -25.92
C GLN F 168 -20.58 5.41 -27.39
N ASP F 169 -21.32 4.78 -28.27
CA ASP F 169 -21.10 4.96 -29.69
C ASP F 169 -21.53 6.36 -30.12
N SER F 170 -20.76 6.96 -31.03
CA SER F 170 -21.05 8.32 -31.48
C SER F 170 -22.35 8.40 -32.26
N LYS F 171 -22.87 7.27 -32.76
CA LYS F 171 -24.02 7.28 -33.65
C LYS F 171 -25.31 6.85 -32.95
N ASP F 172 -25.31 5.67 -32.33
CA ASP F 172 -26.53 5.12 -31.74
C ASP F 172 -26.53 5.06 -30.22
N SER F 173 -25.46 5.54 -29.56
CA SER F 173 -25.42 5.65 -28.11
C SER F 173 -25.68 4.33 -27.40
N THR F 174 -25.13 3.24 -27.95
CA THR F 174 -25.24 1.92 -27.34
C THR F 174 -23.86 1.41 -26.91
N TYR F 175 -23.87 0.22 -26.32
CA TYR F 175 -22.69 -0.42 -25.77
C TYR F 175 -22.43 -1.78 -26.39
N SER F 176 -21.17 -2.20 -26.33
CA SER F 176 -20.77 -3.52 -26.80
C SER F 176 -19.85 -4.12 -25.76
N LEU F 177 -20.11 -5.37 -25.40
CA LEU F 177 -19.43 -6.03 -24.30
C LEU F 177 -18.89 -7.37 -24.77
N SER F 178 -17.73 -7.74 -24.24
CA SER F 178 -17.17 -9.06 -24.49
C SER F 178 -16.84 -9.73 -23.18
N SER F 179 -17.05 -11.05 -23.13
CA SER F 179 -16.59 -11.90 -22.04
C SER F 179 -15.68 -12.97 -22.60
N THR F 180 -14.46 -13.05 -22.09
CA THR F 180 -13.45 -14.00 -22.54
C THR F 180 -13.20 -15.03 -21.44
N LEU F 181 -13.47 -16.30 -21.76
CA LEU F 181 -13.15 -17.45 -20.91
C LEU F 181 -11.86 -18.09 -21.39
N THR F 182 -10.84 -18.09 -20.54
CA THR F 182 -9.52 -18.60 -20.88
C THR F 182 -9.26 -19.82 -19.99
N LEU F 183 -9.19 -21.00 -20.61
CA LEU F 183 -8.95 -22.24 -19.89
C LEU F 183 -7.73 -22.96 -20.48
N SER F 184 -7.20 -23.90 -19.70
CA SER F 184 -6.18 -24.79 -20.21
C SER F 184 -6.78 -25.78 -21.21
N LYS F 185 -5.94 -26.24 -22.14
CA LYS F 185 -6.42 -27.12 -23.20
C LYS F 185 -7.06 -28.38 -22.63
N ALA F 186 -6.48 -28.91 -21.55
CA ALA F 186 -7.05 -30.10 -20.92
C ALA F 186 -8.51 -29.88 -20.55
N ASP F 187 -8.82 -28.71 -19.98
CA ASP F 187 -10.20 -28.40 -19.64
C ASP F 187 -11.08 -28.25 -20.88
N TYR F 188 -10.56 -27.61 -21.94
CA TYR F 188 -11.38 -27.42 -23.14
C TYR F 188 -11.70 -28.76 -23.81
N GLU F 189 -10.79 -29.72 -23.73
CA GLU F 189 -11.03 -31.03 -24.30
C GLU F 189 -11.60 -32.02 -23.29
N LYS F 190 -11.76 -31.59 -22.03
CA LYS F 190 -12.39 -32.40 -20.99
C LYS F 190 -13.90 -32.24 -20.97
N HIS F 191 -14.44 -31.31 -21.76
CA HIS F 191 -15.86 -30.98 -21.70
C HIS F 191 -16.39 -30.71 -23.10
N LYS F 192 -17.72 -30.71 -23.22
CA LYS F 192 -18.40 -30.71 -24.50
C LYS F 192 -19.22 -29.45 -24.74
N VAL F 193 -20.12 -29.10 -23.82
CA VAL F 193 -21.08 -28.01 -24.04
C VAL F 193 -20.52 -26.74 -23.43
N TYR F 194 -20.53 -25.65 -24.22
CA TYR F 194 -20.06 -24.35 -23.75
C TYR F 194 -21.17 -23.33 -23.99
N ALA F 195 -21.65 -22.73 -22.89
CA ALA F 195 -22.79 -21.84 -22.94
C ALA F 195 -22.45 -20.48 -22.35
N CYS F 196 -22.89 -19.42 -23.03
CA CYS F 196 -22.82 -18.06 -22.53
C CYS F 196 -24.25 -17.57 -22.37
N GLU F 197 -24.63 -17.20 -21.15
CA GLU F 197 -25.97 -16.72 -20.86
C GLU F 197 -25.92 -15.23 -20.58
N VAL F 198 -26.79 -14.48 -21.26
CA VAL F 198 -26.85 -13.03 -21.15
C VAL F 198 -28.22 -12.65 -20.61
N THR F 199 -28.22 -11.89 -19.52
CA THR F 199 -29.41 -11.41 -18.84
C THR F 199 -29.39 -9.89 -18.90
N HIS F 200 -30.37 -9.31 -19.57
CA HIS F 200 -30.39 -7.87 -19.81
C HIS F 200 -31.83 -7.35 -19.71
N GLN F 201 -31.96 -6.05 -19.45
CA GLN F 201 -33.27 -5.43 -19.33
C GLN F 201 -34.05 -5.52 -20.63
N GLY F 202 -33.38 -5.34 -21.76
CA GLY F 202 -34.05 -5.42 -23.05
C GLY F 202 -34.50 -6.80 -23.44
N LEU F 203 -34.18 -7.80 -22.64
CA LEU F 203 -34.59 -9.18 -22.89
C LEU F 203 -35.73 -9.53 -21.94
N SER F 204 -36.86 -9.97 -22.49
CA SER F 204 -37.93 -10.50 -21.65
C SER F 204 -37.45 -11.73 -20.90
N SER F 205 -36.47 -12.45 -21.46
CA SER F 205 -35.85 -13.59 -20.83
C SER F 205 -34.40 -13.64 -21.30
N PRO F 206 -33.47 -14.02 -20.42
CA PRO F 206 -32.06 -14.10 -20.83
C PRO F 206 -31.84 -15.10 -21.95
N VAL F 207 -30.96 -14.76 -22.88
CA VAL F 207 -30.66 -15.61 -24.04
C VAL F 207 -29.33 -16.33 -23.80
N THR F 208 -29.32 -17.64 -24.08
CA THR F 208 -28.13 -18.45 -23.96
C THR F 208 -27.67 -18.89 -25.35
N LYS F 209 -26.44 -18.53 -25.70
CA LYS F 209 -25.82 -18.97 -26.94
C LYS F 209 -24.71 -19.98 -26.60
N SER F 210 -24.72 -21.12 -27.30
CA SER F 210 -23.92 -22.25 -26.89
C SER F 210 -23.29 -22.90 -28.12
N PHE F 211 -22.38 -23.84 -27.85
CA PHE F 211 -21.82 -24.67 -28.91
C PHE F 211 -21.24 -25.93 -28.30
N ASN F 212 -20.89 -26.87 -29.18
CA ASN F 212 -20.26 -28.13 -28.80
C ASN F 212 -18.88 -28.18 -29.42
N ARG F 213 -17.93 -28.78 -28.69
CA ARG F 213 -16.57 -28.91 -29.20
C ARG F 213 -16.48 -29.92 -30.34
N HIS G 7 9.63 40.62 29.31
CA HIS G 7 8.38 40.32 28.61
C HIS G 7 8.65 39.82 27.19
N LYS G 8 9.91 39.47 26.91
CA LYS G 8 10.29 39.00 25.59
C LYS G 8 10.36 37.47 25.51
N GLU G 9 10.93 36.82 26.52
CA GLU G 9 10.89 35.35 26.55
C GLU G 9 9.47 34.83 26.73
N SER G 10 8.56 35.64 27.23
CA SER G 10 7.14 35.27 27.30
C SER G 10 6.49 35.23 25.92
N CYS G 11 7.17 35.72 24.89
CA CYS G 11 6.66 35.72 23.52
C CYS G 11 7.23 34.52 22.79
N ASN G 12 6.38 33.52 22.54
CA ASN G 12 6.79 32.33 21.80
C ASN G 12 6.50 32.51 20.31
N GLY G 13 7.15 33.51 19.73
CA GLY G 13 6.93 33.89 18.35
C GLY G 13 7.93 34.91 17.87
N LEU G 14 7.46 35.93 17.15
CA LEU G 14 8.31 36.99 16.63
C LEU G 14 8.10 38.24 17.47
N TYR G 15 9.15 38.69 18.15
CA TYR G 15 9.08 39.85 19.02
C TYR G 15 9.69 41.05 18.32
N TYR G 16 8.91 42.12 18.19
CA TYR G 16 9.38 43.36 17.57
C TYR G 16 8.87 44.53 18.38
N GLN G 17 9.76 45.18 19.13
CA GLN G 17 9.47 46.47 19.76
C GLN G 17 8.49 46.37 20.92
N GLY G 18 7.93 45.20 21.14
CA GLY G 18 6.95 45.02 22.20
C GLY G 18 5.73 44.30 21.67
N SER G 19 5.73 43.95 20.40
CA SER G 19 4.63 43.25 19.76
C SER G 19 5.05 41.81 19.49
N CYS G 20 4.19 40.87 19.85
CA CYS G 20 4.45 39.45 19.68
C CYS G 20 3.55 38.88 18.59
N TYR G 21 4.16 38.32 17.56
CA TYR G 21 3.45 37.71 16.44
C TYR G 21 3.53 36.20 16.60
N ILE G 22 2.39 35.55 16.76
CA ILE G 22 2.31 34.10 16.85
C ILE G 22 1.84 33.58 15.51
N LEU G 23 2.63 32.68 14.92
CA LEU G 23 2.25 32.09 13.65
C LEU G 23 1.26 30.95 13.86
N HIS G 24 0.34 30.82 12.92
CA HIS G 24 -0.62 29.73 12.88
C HIS G 24 -0.39 28.96 11.60
N SER G 25 0.24 27.78 11.72
CA SER G 25 0.61 26.98 10.55
C SER G 25 -0.60 26.51 9.78
N ASP G 26 -1.76 26.40 10.43
CA ASP G 26 -2.98 25.99 9.74
C ASP G 26 -3.44 27.08 8.77
N TYR G 27 -3.97 26.65 7.63
CA TYR G 27 -4.34 27.56 6.55
C TYR G 27 -5.81 27.95 6.73
N LYS G 28 -6.07 29.25 6.88
CA LYS G 28 -7.42 29.76 7.03
C LYS G 28 -7.70 30.82 5.97
N SER G 29 -8.99 31.09 5.74
CA SER G 29 -9.38 32.21 4.87
C SER G 29 -9.13 33.53 5.58
N PHE G 30 -9.36 34.65 4.88
CA PHE G 30 -9.13 35.96 5.48
C PHE G 30 -10.08 36.24 6.64
N GLU G 31 -11.40 36.09 6.43
CA GLU G 31 -12.33 36.31 7.52
C GLU G 31 -12.14 35.31 8.64
N ASP G 32 -11.87 34.05 8.29
CA ASP G 32 -11.62 33.07 9.33
C ASP G 32 -10.38 33.45 10.14
N ALA G 33 -9.31 33.89 9.46
CA ALA G 33 -8.11 34.31 10.16
C ALA G 33 -8.37 35.52 11.05
N LYS G 34 -9.18 36.46 10.57
CA LYS G 34 -9.54 37.63 11.37
C LYS G 34 -10.25 37.20 12.65
N ALA G 35 -11.22 36.28 12.52
CA ALA G 35 -11.92 35.76 13.69
C ALA G 35 -10.98 34.99 14.61
N ASN G 36 -10.07 34.21 14.03
CA ASN G 36 -9.13 33.41 14.81
C ASN G 36 -8.23 34.30 15.65
N CYS G 37 -7.66 35.35 15.05
CA CYS G 37 -6.86 36.30 15.81
C CYS G 37 -7.69 37.02 16.86
N ALA G 38 -8.92 37.40 16.51
CA ALA G 38 -9.78 38.08 17.47
C ALA G 38 -10.08 37.20 18.68
N ALA G 39 -10.23 35.89 18.46
CA ALA G 39 -10.45 34.98 19.58
C ALA G 39 -9.24 34.87 20.49
N GLU G 40 -8.07 35.32 20.06
CA GLU G 40 -6.90 35.42 20.91
C GLU G 40 -6.58 36.86 21.29
N SER G 41 -7.56 37.77 21.15
CA SER G 41 -7.40 39.18 21.49
C SER G 41 -6.28 39.83 20.69
N SER G 42 -6.05 39.37 19.46
CA SER G 42 -4.97 39.85 18.61
C SER G 42 -5.54 40.30 17.27
N THR G 43 -4.65 40.71 16.37
CA THR G 43 -5.02 41.22 15.06
C THR G 43 -4.04 40.70 14.01
N LEU G 44 -4.49 40.73 12.75
CA LEU G 44 -3.61 40.40 11.64
C LEU G 44 -2.53 41.47 11.50
N PRO G 45 -1.30 41.09 11.13
CA PRO G 45 -0.21 42.07 11.05
C PRO G 45 -0.50 43.16 10.04
N ASN G 46 -0.19 44.39 10.42
CA ASN G 46 -0.28 45.52 9.50
C ASN G 46 0.87 45.49 8.49
N LYS G 47 0.53 45.62 7.21
CA LYS G 47 1.54 45.59 6.16
C LYS G 47 2.55 46.71 6.33
N SER G 48 2.10 47.89 6.75
CA SER G 48 2.98 49.04 6.87
C SER G 48 4.03 48.82 7.96
N ASP G 49 3.63 48.18 9.07
CA ASP G 49 4.52 47.98 10.20
C ASP G 49 5.64 46.99 9.92
N VAL G 50 5.56 46.24 8.82
CA VAL G 50 6.53 45.18 8.54
C VAL G 50 7.15 45.29 7.15
N LEU G 51 6.77 46.29 6.36
CA LEU G 51 7.25 46.34 4.98
C LEU G 51 8.77 46.53 4.93
N THR G 52 9.34 47.30 5.86
CA THR G 52 10.75 47.67 5.79
C THR G 52 11.56 47.07 6.92
N THR G 53 11.04 46.05 7.59
CA THR G 53 11.71 45.43 8.72
C THR G 53 12.36 44.12 8.28
N TRP G 54 12.84 43.34 9.25
CA TRP G 54 13.29 41.98 8.99
C TRP G 54 12.17 40.97 9.08
N LEU G 55 11.00 41.38 9.57
CA LEU G 55 9.88 40.48 9.77
C LEU G 55 9.22 40.08 8.45
N ILE G 56 9.53 40.79 7.36
CA ILE G 56 8.82 40.59 6.11
C ILE G 56 9.00 39.15 5.61
N ASP G 57 10.23 38.63 5.71
CA ASP G 57 10.52 37.28 5.24
C ASP G 57 9.70 36.22 5.98
N TYR G 58 9.16 36.55 7.16
CA TYR G 58 8.29 35.61 7.86
C TYR G 58 6.83 35.78 7.49
N VAL G 59 6.40 37.00 7.17
CA VAL G 59 5.00 37.28 6.89
C VAL G 59 4.71 37.26 5.39
N GLU G 60 5.63 36.75 4.59
CA GLU G 60 5.40 36.64 3.16
C GLU G 60 4.24 35.70 2.87
N ASP G 61 3.36 36.13 1.96
CA ASP G 61 2.20 35.34 1.53
C ASP G 61 1.28 35.01 2.70
N THR G 62 1.30 35.87 3.72
CA THR G 62 0.46 35.75 4.90
C THR G 62 -0.58 36.87 4.88
N TRP G 63 -1.70 36.63 5.57
CA TRP G 63 -2.81 37.56 5.55
C TRP G 63 -2.43 38.89 6.18
N GLY G 64 -2.97 39.97 5.63
CA GLY G 64 -2.84 41.29 6.19
C GLY G 64 -4.16 41.80 6.74
N SER G 65 -4.09 42.97 7.38
CA SER G 65 -5.28 43.58 7.94
C SER G 65 -6.21 44.11 6.86
N ASP G 66 -5.66 44.50 5.71
CA ASP G 66 -6.46 45.05 4.61
C ASP G 66 -7.10 43.97 3.74
N GLY G 67 -6.97 42.70 4.08
CA GLY G 67 -7.52 41.61 3.31
C GLY G 67 -6.57 41.14 2.23
N ASN G 68 -5.83 42.06 1.65
CA ASN G 68 -4.79 41.68 0.69
C ASN G 68 -3.61 41.09 1.45
N PRO G 69 -2.94 40.07 0.88
CA PRO G 69 -1.78 39.49 1.55
C PRO G 69 -0.60 40.44 1.59
N ILE G 70 0.40 40.05 2.39
CA ILE G 70 1.60 40.84 2.61
C ILE G 70 2.66 40.33 1.65
N THR G 71 3.14 41.22 0.79
CA THR G 71 4.11 40.90 -0.24
C THR G 71 5.22 41.93 -0.22
N LYS G 72 6.39 41.52 -0.74
CA LYS G 72 7.54 42.42 -0.79
C LYS G 72 7.23 43.64 -1.62
N THR G 73 6.88 43.43 -2.89
CA THR G 73 6.47 44.52 -3.75
C THR G 73 5.05 44.93 -3.40
N THR G 74 4.73 46.18 -3.69
CA THR G 74 3.35 46.64 -3.60
C THR G 74 2.50 45.87 -4.61
N SER G 75 1.24 45.67 -4.27
CA SER G 75 0.32 44.87 -5.09
C SER G 75 0.42 45.26 -6.56
N ASP G 76 0.37 44.25 -7.43
CA ASP G 76 0.62 44.43 -8.85
C ASP G 76 -0.58 44.99 -9.61
N TYR G 77 -1.48 45.70 -8.94
CA TYR G 77 -2.56 46.49 -9.54
C TYR G 77 -3.61 45.68 -10.30
N GLN G 78 -3.60 44.35 -10.23
CA GLN G 78 -4.68 43.59 -10.86
C GLN G 78 -5.23 42.52 -9.93
N ASP G 79 -5.21 42.78 -8.62
CA ASP G 79 -5.77 41.86 -7.63
C ASP G 79 -7.28 42.00 -7.65
N SER G 80 -7.98 40.99 -8.17
CA SER G 80 -9.44 41.02 -8.16
C SER G 80 -10.06 40.42 -6.91
N ASP G 81 -9.86 39.12 -6.67
CA ASP G 81 -10.56 38.40 -5.63
C ASP G 81 -9.58 37.70 -4.69
N VAL G 82 -9.47 38.21 -3.46
CA VAL G 82 -8.68 37.57 -2.42
C VAL G 82 -9.51 36.69 -1.47
N SER G 83 -10.83 36.88 -1.42
CA SER G 83 -11.66 36.20 -0.45
C SER G 83 -11.68 34.67 -0.59
N GLN G 84 -11.59 34.14 -1.81
CA GLN G 84 -11.77 32.69 -2.05
C GLN G 84 -10.41 32.01 -2.17
N GLU G 85 -9.75 31.85 -1.02
CA GLU G 85 -8.43 31.24 -0.87
C GLU G 85 -8.01 31.23 0.60
N VAL G 86 -7.12 30.31 0.95
CA VAL G 86 -6.61 30.15 2.31
C VAL G 86 -5.12 30.51 2.37
N ARG G 87 -4.72 31.12 3.48
CA ARG G 87 -3.34 31.51 3.71
C ARG G 87 -3.01 31.25 5.17
N LYS G 88 -1.72 31.19 5.49
CA LYS G 88 -1.30 31.21 6.87
C LYS G 88 -1.34 32.65 7.41
N TYR G 89 -1.24 32.78 8.73
CA TYR G 89 -1.38 34.09 9.33
C TYR G 89 -0.67 34.15 10.67
N PHE G 90 -0.43 35.38 11.12
CA PHE G 90 0.11 35.69 12.42
C PHE G 90 -0.94 36.45 13.22
N CYS G 91 -0.92 36.30 14.53
CA CYS G 91 -1.74 37.09 15.42
C CYS G 91 -0.86 37.87 16.37
N THR G 92 -1.15 39.16 16.52
CA THR G 92 -0.37 40.05 17.37
C THR G 92 -1.27 40.93 18.25
N HIS H 7 20.82 40.71 24.47
CA HIS H 7 21.10 40.04 23.21
C HIS H 7 19.82 39.54 22.53
N LYS H 8 18.69 39.89 23.11
CA LYS H 8 17.40 39.46 22.56
C LYS H 8 16.81 40.49 21.61
N GLU H 9 16.86 41.78 21.96
CA GLU H 9 16.45 42.83 21.02
C GLU H 9 17.48 43.08 19.94
N SER H 10 18.73 42.65 20.17
CA SER H 10 19.73 42.60 19.10
C SER H 10 19.59 41.34 18.26
N CYS H 11 18.69 40.44 18.64
CA CYS H 11 18.40 39.24 17.87
C CYS H 11 17.25 39.53 16.92
N ASN H 12 17.56 39.66 15.63
CA ASN H 12 16.56 39.91 14.59
C ASN H 12 16.07 38.59 13.99
N GLY H 13 15.50 37.75 14.85
CA GLY H 13 15.06 36.43 14.45
C GLY H 13 14.27 35.71 15.52
N LEU H 14 14.55 34.42 15.70
CA LEU H 14 13.88 33.60 16.71
C LEU H 14 14.82 33.36 17.88
N TYR H 15 14.43 33.81 19.06
CA TYR H 15 15.28 33.68 20.26
C TYR H 15 14.78 32.51 21.08
N TYR H 16 15.63 31.51 21.28
CA TYR H 16 15.29 30.38 22.13
C TYR H 16 16.53 29.90 22.88
N GLN H 17 16.41 29.80 24.21
CA GLN H 17 17.39 29.13 25.07
C GLN H 17 18.68 29.93 25.22
N GLY H 18 18.82 30.98 24.42
CA GLY H 18 20.01 31.83 24.41
C GLY H 18 20.60 31.92 23.03
N SER H 19 20.01 31.22 22.07
CA SER H 19 20.48 31.15 20.70
C SER H 19 19.49 31.85 19.78
N CYS H 20 20.03 32.63 18.84
CA CYS H 20 19.25 33.43 17.91
C CYS H 20 19.31 32.78 16.52
N TYR H 21 18.14 32.48 15.96
CA TYR H 21 18.01 31.86 14.67
C TYR H 21 17.68 32.94 13.66
N ILE H 22 18.55 33.12 12.67
CA ILE H 22 18.40 34.10 11.62
C ILE H 22 17.93 33.35 10.38
N LEU H 23 16.79 33.76 9.84
CA LEU H 23 16.28 33.13 8.63
C LEU H 23 16.94 33.71 7.39
N HIS H 24 17.16 32.85 6.40
CA HIS H 24 17.64 33.27 5.08
C HIS H 24 16.58 32.84 4.06
N SER H 25 15.80 33.81 3.57
CA SER H 25 14.71 33.51 2.66
C SER H 25 15.19 32.96 1.33
N ASP H 26 16.40 33.31 0.91
CA ASP H 26 16.93 32.80 -0.35
C ASP H 26 17.22 31.31 -0.25
N TYR H 27 16.95 30.58 -1.34
CA TYR H 27 17.06 29.14 -1.34
C TYR H 27 18.44 28.72 -1.84
N LYS H 28 19.17 28.00 -0.98
CA LYS H 28 20.47 27.45 -1.27
C LYS H 28 20.45 25.94 -1.02
N SER H 29 21.45 25.25 -1.57
CA SER H 29 21.64 23.84 -1.28
C SER H 29 22.15 23.67 0.16
N PHE H 30 22.32 22.43 0.57
CA PHE H 30 22.80 22.15 1.92
C PHE H 30 24.20 22.71 2.13
N GLU H 31 25.11 22.42 1.20
CA GLU H 31 26.48 22.90 1.34
C GLU H 31 26.54 24.42 1.33
N ASP H 32 25.78 25.06 0.45
CA ASP H 32 25.75 26.53 0.40
C ASP H 32 25.18 27.12 1.68
N ALA H 33 24.12 26.54 2.22
CA ALA H 33 23.56 27.02 3.48
C ALA H 33 24.56 26.86 4.61
N LYS H 34 25.27 25.73 4.63
CA LYS H 34 26.32 25.53 5.63
C LYS H 34 27.40 26.60 5.49
N ALA H 35 27.79 26.92 4.26
CA ALA H 35 28.81 27.94 4.03
C ALA H 35 28.34 29.31 4.50
N ASN H 36 27.08 29.67 4.22
CA ASN H 36 26.57 30.95 4.69
C ASN H 36 26.51 31.03 6.20
N CYS H 37 26.03 29.96 6.86
CA CYS H 37 26.01 29.97 8.32
C CYS H 37 27.42 30.11 8.88
N ALA H 38 28.39 29.40 8.30
CA ALA H 38 29.77 29.54 8.75
C ALA H 38 30.27 30.95 8.53
N ALA H 39 29.91 31.56 7.40
CA ALA H 39 30.29 32.93 7.08
C ALA H 39 29.59 33.96 7.96
N GLU H 40 28.57 33.55 8.70
CA GLU H 40 27.94 34.40 9.71
C GLU H 40 28.28 33.95 11.13
N SER H 41 29.32 33.13 11.28
CA SER H 41 29.76 32.62 12.59
C SER H 41 28.65 31.86 13.30
N SER H 42 27.77 31.24 12.54
CA SER H 42 26.62 30.52 13.06
C SER H 42 26.60 29.10 12.48
N THR H 43 25.55 28.36 12.81
CA THR H 43 25.41 26.98 12.38
C THR H 43 23.96 26.73 11.99
N LEU H 44 23.74 25.69 11.18
CA LEU H 44 22.38 25.26 10.91
C LEU H 44 21.75 24.70 12.19
N PRO H 45 20.45 24.94 12.40
CA PRO H 45 19.82 24.53 13.66
C PRO H 45 19.88 23.03 13.88
N ASN H 46 20.13 22.64 15.12
CA ASN H 46 20.03 21.23 15.48
C ASN H 46 18.55 20.85 15.46
N LYS H 47 18.22 19.79 14.72
CA LYS H 47 16.81 19.40 14.61
C LYS H 47 16.25 18.97 15.96
N SER H 48 17.09 18.32 16.78
CA SER H 48 16.63 17.85 18.09
C SER H 48 16.31 19.03 19.02
N ASP H 49 17.10 20.10 18.97
CA ASP H 49 16.85 21.22 19.90
C ASP H 49 15.57 21.96 19.57
N VAL H 50 14.96 21.72 18.42
CA VAL H 50 13.74 22.41 18.01
C VAL H 50 12.62 21.45 17.65
N LEU H 51 12.82 20.15 17.79
CA LEU H 51 11.80 19.18 17.38
C LEU H 51 10.55 19.28 18.25
N THR H 52 10.72 19.55 19.55
CA THR H 52 9.62 19.51 20.51
C THR H 52 9.30 20.89 21.08
N THR H 53 9.70 21.94 20.37
CA THR H 53 9.53 23.33 20.74
C THR H 53 8.35 23.92 19.97
N TRP H 54 8.22 25.24 20.00
CA TRP H 54 7.28 25.95 19.12
C TRP H 54 7.91 26.38 17.79
N LEU H 55 9.21 26.25 17.61
CA LEU H 55 9.88 26.74 16.41
C LEU H 55 9.62 25.94 15.14
N ILE H 56 9.01 24.75 15.22
CA ILE H 56 8.89 23.93 14.01
C ILE H 56 8.12 24.68 12.93
N ASP H 57 7.09 25.43 13.33
CA ASP H 57 6.28 26.16 12.36
C ASP H 57 7.11 27.16 11.56
N TYR H 58 8.26 27.58 12.08
CA TYR H 58 9.17 28.42 11.30
C TYR H 58 10.26 27.62 10.59
N VAL H 59 10.69 26.49 11.16
CA VAL H 59 11.78 25.72 10.58
C VAL H 59 11.25 24.57 9.72
N GLU H 60 9.98 24.61 9.35
CA GLU H 60 9.44 23.58 8.48
C GLU H 60 10.13 23.60 7.14
N ASP H 61 10.54 22.41 6.67
CA ASP H 61 11.17 22.24 5.37
C ASP H 61 12.44 23.07 5.23
N THR H 62 13.13 23.34 6.34
CA THR H 62 14.39 24.06 6.33
C THR H 62 15.53 23.13 6.68
N TRP H 63 16.73 23.53 6.28
CA TRP H 63 17.91 22.68 6.45
C TRP H 63 18.24 22.48 7.93
N GLY H 64 18.75 21.28 8.24
CA GLY H 64 19.26 20.98 9.56
C GLY H 64 20.78 20.82 9.52
N SER H 65 21.34 20.67 10.71
CA SER H 65 22.79 20.51 10.80
C SER H 65 23.25 19.13 10.32
N ASP H 66 22.39 18.12 10.43
CA ASP H 66 22.77 16.78 10.01
C ASP H 66 22.63 16.55 8.51
N GLY H 67 22.09 17.52 7.77
CA GLY H 67 21.92 17.38 6.33
C GLY H 67 20.47 17.09 5.97
N ASN H 68 19.80 16.32 6.81
CA ASN H 68 18.38 16.07 6.60
C ASN H 68 17.58 17.30 6.99
N PRO H 69 16.54 17.66 6.24
CA PRO H 69 15.71 18.81 6.60
C PRO H 69 14.86 18.52 7.83
N ILE H 70 14.29 19.59 8.38
CA ILE H 70 13.47 19.51 9.58
C ILE H 70 12.00 19.49 9.17
N THR H 71 11.31 18.40 9.48
CA THR H 71 9.91 18.22 9.17
C THR H 71 9.19 17.64 10.40
N LYS H 72 7.90 17.95 10.52
CA LYS H 72 7.15 17.46 11.67
C LYS H 72 6.99 15.94 11.63
N THR H 73 6.31 15.42 10.61
CA THR H 73 6.21 13.97 10.44
C THR H 73 7.47 13.39 9.82
N THR H 74 7.75 12.15 10.16
CA THR H 74 8.86 11.41 9.57
C THR H 74 8.63 11.11 8.10
N SER H 75 9.72 11.16 7.32
CA SER H 75 9.65 10.83 5.90
C SER H 75 9.40 9.34 5.74
N ASP H 76 8.49 8.98 4.84
CA ASP H 76 8.10 7.58 4.69
C ASP H 76 9.02 6.79 3.77
N TYR H 77 9.38 7.33 2.60
CA TYR H 77 10.15 6.56 1.62
C TYR H 77 11.55 7.10 1.35
N GLN H 78 11.66 8.34 0.90
CA GLN H 78 12.93 9.01 0.56
C GLN H 78 13.87 8.10 -0.25
N ASP H 79 13.32 7.22 -1.08
CA ASP H 79 14.15 6.36 -1.90
C ASP H 79 14.78 7.07 -3.09
N SER H 80 14.71 8.39 -3.14
CA SER H 80 15.47 9.17 -4.11
C SER H 80 16.83 9.48 -3.48
N ASP H 81 17.90 9.32 -4.26
CA ASP H 81 19.24 9.41 -3.72
C ASP H 81 20.09 10.47 -4.41
N VAL H 82 19.46 11.50 -4.97
CA VAL H 82 20.22 12.60 -5.54
C VAL H 82 20.40 13.74 -4.54
N SER H 83 19.51 13.84 -3.55
CA SER H 83 19.51 14.89 -2.53
C SER H 83 19.81 16.27 -3.09
N GLN H 84 19.33 16.56 -4.30
CA GLN H 84 19.58 17.82 -5.00
C GLN H 84 18.35 18.70 -4.82
N GLU H 85 18.32 19.41 -3.70
CA GLU H 85 17.17 20.21 -3.32
C GLU H 85 17.62 21.56 -2.77
N VAL H 86 16.75 22.55 -2.91
CA VAL H 86 16.97 23.88 -2.38
C VAL H 86 15.94 24.13 -1.27
N ARG H 87 16.39 24.75 -0.19
CA ARG H 87 15.52 25.01 0.95
C ARG H 87 15.90 26.34 1.60
N LYS H 88 14.99 26.82 2.44
CA LYS H 88 15.29 27.91 3.36
C LYS H 88 16.13 27.34 4.51
N TYR H 89 16.74 28.25 5.28
CA TYR H 89 17.57 27.78 6.37
C TYR H 89 17.69 28.87 7.42
N PHE H 90 18.08 28.44 8.62
CA PHE H 90 18.37 29.34 9.72
C PHE H 90 19.83 29.17 10.12
N CYS H 91 20.43 30.25 10.62
CA CYS H 91 21.76 30.21 11.19
C CYS H 91 21.68 30.66 12.65
N THR H 92 22.34 29.91 13.54
CA THR H 92 22.31 30.23 14.96
C THR H 92 23.71 30.21 15.60
#